data_4L1U
#
_entry.id   4L1U
#
_cell.length_a   112.932
_cell.length_b   172.514
_cell.length_c   58.476
_cell.angle_alpha   90.000
_cell.angle_beta   107.000
_cell.angle_gamma   90.000
#
_symmetry.space_group_name_H-M   'C 1 2 1'
#
loop_
_entity.id
_entity.type
_entity.pdbx_description
1 polymer 'RNA polymerase-associated protein RTF1 homolog'
2 polymer 'Transcription elongation factor SPT5'
3 non-polymer 'SULFATE ION'
4 non-polymer GLYCEROL
5 water water
#
loop_
_entity_poly.entity_id
_entity_poly.type
_entity_poly.pdbx_seq_one_letter_code
_entity_poly.pdbx_strand_id
1 'polypeptide(L)'
;GDITHMVSLPEELNRVRLSRHKLERWCHMPFFAKTVTGCFVRIGIGNHNSKPVYRVAEITGVVETAKVYQLGGTRTNKGL
QLRHGNDQRVFRLEFVSNQEFTESEFMKWKEAMFSAGMQLPTLDEINKKELSIKEALN
;
A,B,C,D,E,F
2 'polypeptide(L)' YGSGSR(TPO)PMYGSQ G,H,I,J
#
# COMPACT_ATOMS: atom_id res chain seq x y z
N ILE A 3 -38.02 9.80 -37.95
CA ILE A 3 -36.72 9.13 -37.95
C ILE A 3 -35.83 9.62 -36.82
N THR A 4 -35.33 8.70 -36.01
CA THR A 4 -34.37 9.04 -34.97
C THR A 4 -32.97 8.95 -35.59
N HIS A 5 -32.11 9.89 -35.26
CA HIS A 5 -30.76 9.92 -35.82
C HIS A 5 -29.89 8.90 -35.09
N MET A 6 -29.26 8.02 -35.84
CA MET A 6 -28.34 7.03 -35.30
C MET A 6 -26.92 7.57 -35.43
N VAL A 7 -26.00 7.09 -34.58
CA VAL A 7 -24.62 7.51 -34.69
C VAL A 7 -24.09 7.05 -36.06
N SER A 8 -23.41 7.96 -36.76
CA SER A 8 -22.96 7.71 -38.13
C SER A 8 -21.51 8.16 -38.32
N LEU A 9 -20.98 8.87 -37.34
CA LEU A 9 -19.65 9.48 -37.45
C LEU A 9 -18.80 9.18 -36.23
N PRO A 10 -17.47 9.01 -36.45
CA PRO A 10 -16.55 8.82 -35.33
C PRO A 10 -16.58 9.98 -34.37
N GLU A 11 -16.68 11.20 -34.90
CA GLU A 11 -16.74 12.40 -34.07
C GLU A 11 -17.87 12.31 -33.04
N GLU A 12 -19.00 11.72 -33.45
CA GLU A 12 -20.15 11.62 -32.57
C GLU A 12 -19.84 10.64 -31.46
N LEU A 13 -19.21 9.53 -31.82
CA LEU A 13 -18.95 8.47 -30.85
C LEU A 13 -17.76 8.81 -29.94
N ASN A 14 -16.85 9.69 -30.40
CA ASN A 14 -15.76 10.17 -29.55
C ASN A 14 -16.27 11.04 -28.39
N ARG A 15 -17.51 11.51 -28.47
CA ARG A 15 -18.13 12.34 -27.41
C ARG A 15 -18.32 11.56 -26.11
N VAL A 16 -18.46 10.26 -26.22
CA VAL A 16 -18.60 9.41 -25.04
C VAL A 16 -17.43 8.43 -24.97
N ARG A 17 -16.31 8.79 -25.60
CA ARG A 17 -15.10 7.98 -25.49
C ARG A 17 -14.30 8.38 -24.25
N LEU A 18 -13.88 7.42 -23.44
CA LEU A 18 -13.05 7.70 -22.28
C LEU A 18 -11.60 7.32 -22.60
N SER A 19 -10.67 8.22 -22.36
CA SER A 19 -9.27 7.93 -22.58
C SER A 19 -8.73 7.22 -21.36
N ARG A 20 -7.52 6.70 -21.47
CA ARG A 20 -6.91 6.02 -20.35
C ARG A 20 -6.61 6.98 -19.20
N HIS A 21 -6.19 8.20 -19.56
CA HIS A 21 -5.90 9.26 -18.59
C HIS A 21 -7.12 9.47 -17.70
N LYS A 22 -8.25 9.65 -18.37
CA LYS A 22 -9.53 9.91 -17.70
C LYS A 22 -9.91 8.76 -16.75
N LEU A 23 -9.79 7.52 -17.25
CA LEU A 23 -10.15 6.34 -16.48
C LEU A 23 -9.23 6.21 -15.27
N GLU A 24 -7.94 6.50 -15.48
CA GLU A 24 -6.99 6.51 -14.39
C GLU A 24 -7.41 7.56 -13.36
N ARG A 25 -7.82 8.72 -13.85
CA ARG A 25 -8.21 9.80 -13.00
C ARG A 25 -9.42 9.43 -12.18
N TRP A 26 -10.35 8.69 -12.77
CA TRP A 26 -11.63 8.39 -12.11
C TRP A 26 -11.68 7.06 -11.37
N CYS A 27 -10.66 6.22 -11.49
CA CYS A 27 -10.86 4.82 -11.10
C CYS A 27 -11.15 4.66 -9.60
N HIS A 28 -10.77 5.64 -8.78
CA HIS A 28 -11.10 5.60 -7.34
C HIS A 28 -12.20 6.57 -6.97
N MET A 29 -12.94 7.03 -7.96
CA MET A 29 -14.08 7.92 -7.73
C MET A 29 -15.34 7.09 -7.41
N PRO A 30 -16.16 7.54 -6.45
CA PRO A 30 -17.35 6.75 -6.16
C PRO A 30 -18.31 6.73 -7.35
N PHE A 31 -19.02 5.62 -7.55
CA PHE A 31 -19.98 5.46 -8.63
C PHE A 31 -19.31 5.44 -10.01
N PHE A 32 -18.05 5.01 -10.00
CA PHE A 32 -17.25 4.86 -11.20
C PHE A 32 -17.98 3.96 -12.19
N ALA A 33 -18.48 2.83 -11.71
CA ALA A 33 -19.07 1.84 -12.61
C ALA A 33 -20.30 2.42 -13.31
N LYS A 34 -21.20 3.01 -12.52
CA LYS A 34 -22.40 3.61 -13.08
C LYS A 34 -22.06 4.66 -14.13
N THR A 35 -21.01 5.43 -13.85
CA THR A 35 -20.59 6.53 -14.72
C THR A 35 -20.02 6.03 -16.03
N VAL A 36 -19.07 5.08 -15.99
CA VAL A 36 -18.41 4.63 -17.22
C VAL A 36 -19.22 3.62 -18.04
N THR A 37 -20.15 2.93 -17.39
CA THR A 37 -21.00 1.95 -18.08
C THR A 37 -21.85 2.67 -19.13
N GLY A 38 -21.79 2.23 -20.37
CA GLY A 38 -22.45 2.92 -21.47
C GLY A 38 -21.48 3.80 -22.24
N CYS A 39 -20.31 4.11 -21.67
CA CYS A 39 -19.33 4.86 -22.43
C CYS A 39 -18.59 3.96 -23.40
N PHE A 40 -17.77 4.55 -24.25
CA PHE A 40 -16.97 3.78 -25.20
C PHE A 40 -15.52 3.99 -24.94
N VAL A 41 -14.71 3.05 -25.43
CA VAL A 41 -13.25 3.19 -25.35
C VAL A 41 -12.63 2.70 -26.62
N ARG A 42 -11.47 3.24 -26.92
CA ARG A 42 -10.60 2.66 -27.95
C ARG A 42 -9.68 1.67 -27.24
N ILE A 43 -9.87 0.37 -27.48
CA ILE A 43 -9.12 -0.67 -26.74
C ILE A 43 -8.13 -1.42 -27.63
N GLY A 44 -6.93 -1.64 -27.11
CA GLY A 44 -5.93 -2.44 -27.82
C GLY A 44 -6.07 -3.92 -27.55
N ILE A 45 -6.22 -4.72 -28.60
CA ILE A 45 -6.51 -6.17 -28.46
C ILE A 45 -5.34 -7.07 -28.81
N GLY A 46 -4.27 -6.49 -29.34
CA GLY A 46 -3.08 -7.26 -29.67
C GLY A 46 -2.35 -6.70 -30.88
N ASN A 47 -1.43 -7.52 -31.40
CA ASN A 47 -0.56 -7.12 -32.50
C ASN A 47 -0.90 -7.82 -33.81
N VAL A 53 -2.93 -2.60 -33.16
CA VAL A 53 -4.31 -2.87 -33.55
C VAL A 53 -5.35 -2.49 -32.46
N TYR A 54 -6.34 -1.69 -32.85
CA TYR A 54 -7.30 -1.11 -31.88
C TYR A 54 -8.77 -1.22 -32.31
N ARG A 55 -9.64 -1.51 -31.35
CA ARG A 55 -11.07 -1.60 -31.63
C ARG A 55 -11.87 -0.63 -30.79
N VAL A 56 -12.98 -0.21 -31.38
CA VAL A 56 -14.05 0.47 -30.66
C VAL A 56 -14.78 -0.55 -29.80
N ALA A 57 -15.07 -0.19 -28.56
CA ALA A 57 -15.80 -1.10 -27.68
C ALA A 57 -16.62 -0.30 -26.67
N GLU A 58 -17.79 -0.81 -26.33
CA GLU A 58 -18.67 -0.19 -25.35
C GLU A 58 -18.42 -0.84 -24.01
N ILE A 59 -18.36 -0.05 -22.95
CA ILE A 59 -18.26 -0.58 -21.59
C ILE A 59 -19.63 -1.02 -21.12
N THR A 60 -19.80 -2.30 -20.81
CA THR A 60 -21.10 -2.82 -20.41
C THR A 60 -21.16 -3.04 -18.91
N GLY A 61 -19.99 -3.02 -18.29
CA GLY A 61 -19.86 -3.15 -16.86
C GLY A 61 -18.43 -2.95 -16.42
N VAL A 62 -18.26 -2.95 -15.10
CA VAL A 62 -16.96 -2.92 -14.45
C VAL A 62 -16.91 -4.06 -13.47
N VAL A 63 -15.75 -4.69 -13.42
CA VAL A 63 -15.57 -5.95 -12.74
C VAL A 63 -14.26 -5.85 -11.99
N GLU A 64 -14.16 -6.53 -10.86
CA GLU A 64 -12.89 -6.61 -10.17
C GLU A 64 -12.17 -7.88 -10.65
N THR A 65 -10.92 -7.72 -11.07
CA THR A 65 -10.06 -8.82 -11.51
C THR A 65 -9.40 -9.49 -10.31
N ALA A 66 -8.66 -10.56 -10.60
CA ALA A 66 -8.05 -11.36 -9.55
C ALA A 66 -6.92 -10.58 -8.89
N LYS A 67 -5.92 -10.23 -9.68
CA LYS A 67 -4.76 -9.53 -9.16
C LYS A 67 -4.96 -8.02 -9.29
N VAL A 68 -4.42 -7.30 -8.30
CA VAL A 68 -4.29 -5.86 -8.35
C VAL A 68 -3.05 -5.55 -9.19
N TYR A 69 -3.11 -4.50 -9.99
CA TYR A 69 -2.06 -4.18 -10.93
C TYR A 69 -1.78 -2.69 -10.95
N GLN A 70 -0.58 -2.35 -11.37
CA GLN A 70 -0.17 -0.96 -11.52
C GLN A 70 -0.87 -0.30 -12.71
N LEU A 71 -1.37 0.89 -12.49
CA LEU A 71 -2.03 1.65 -13.55
C LEU A 71 -1.60 3.09 -13.33
N GLY A 72 -0.89 3.65 -14.29
CA GLY A 72 -0.35 4.98 -14.15
C GLY A 72 0.41 5.06 -12.83
N GLY A 73 0.04 5.98 -11.97
CA GLY A 73 0.67 6.11 -10.71
C GLY A 73 -0.17 5.57 -9.58
N THR A 74 -1.08 4.69 -9.88
CA THR A 74 -1.86 4.06 -8.86
C THR A 74 -1.94 2.59 -9.05
N ARG A 75 -2.82 1.98 -8.32
CA ARG A 75 -3.00 0.57 -8.38
C ARG A 75 -4.45 0.23 -8.32
N THR A 76 -4.85 -0.82 -9.02
CA THR A 76 -6.27 -1.17 -8.99
C THR A 76 -6.52 -2.64 -9.33
N ASN A 77 -7.73 -3.11 -9.07
CA ASN A 77 -8.16 -4.44 -9.51
C ASN A 77 -9.37 -4.34 -10.41
N LYS A 78 -9.71 -3.13 -10.83
CA LYS A 78 -10.84 -2.93 -11.72
C LYS A 78 -10.51 -3.36 -13.15
N GLY A 79 -11.53 -3.83 -13.84
CA GLY A 79 -11.42 -4.23 -15.24
C GLY A 79 -12.72 -3.85 -15.90
N LEU A 80 -12.65 -3.49 -17.18
CA LEU A 80 -13.86 -3.15 -17.93
C LEU A 80 -14.38 -4.38 -18.67
N GLN A 81 -15.68 -4.58 -18.57
CA GLN A 81 -16.33 -5.56 -19.42
C GLN A 81 -16.70 -4.81 -20.71
N LEU A 82 -16.05 -5.20 -21.80
CA LEU A 82 -16.20 -4.53 -23.08
C LEU A 82 -16.96 -5.40 -24.07
N ARG A 83 -17.65 -4.74 -24.98
CA ARG A 83 -18.39 -5.40 -26.03
C ARG A 83 -18.15 -4.71 -27.37
N HIS A 84 -17.81 -5.51 -28.37
CA HIS A 84 -17.65 -5.08 -29.76
C HIS A 84 -18.56 -5.96 -30.61
N GLY A 85 -19.70 -5.42 -31.03
CA GLY A 85 -20.69 -6.25 -31.69
C GLY A 85 -21.06 -7.36 -30.74
N ASN A 86 -20.94 -8.61 -31.14
CA ASN A 86 -21.21 -9.71 -30.23
C ASN A 86 -19.93 -10.22 -29.52
N ASP A 87 -18.76 -9.67 -29.84
CA ASP A 87 -17.51 -10.05 -29.15
C ASP A 87 -17.50 -9.32 -27.80
N GLN A 88 -17.14 -10.03 -26.74
CA GLN A 88 -17.40 -9.53 -25.41
C GLN A 88 -16.30 -9.98 -24.47
N ARG A 89 -15.51 -9.03 -23.98
CA ARG A 89 -14.26 -9.35 -23.32
C ARG A 89 -13.89 -8.39 -22.19
N VAL A 90 -13.24 -8.93 -21.16
CA VAL A 90 -12.83 -8.13 -20.02
C VAL A 90 -11.37 -7.72 -20.14
N PHE A 91 -11.13 -6.42 -19.94
CA PHE A 91 -9.80 -5.83 -20.06
C PHE A 91 -9.38 -5.01 -18.86
N ARG A 92 -8.10 -5.07 -18.54
CA ARG A 92 -7.49 -4.13 -17.61
C ARG A 92 -7.52 -2.73 -18.25
N LEU A 93 -7.56 -1.69 -17.42
CA LEU A 93 -7.63 -0.31 -17.91
C LEU A 93 -6.36 0.13 -18.62
N GLU A 94 -5.27 -0.61 -18.43
CA GLU A 94 -4.01 -0.25 -19.07
C GLU A 94 -4.06 -0.43 -20.59
N PHE A 95 -5.03 -1.17 -21.11
CA PHE A 95 -5.08 -1.42 -22.56
C PHE A 95 -5.92 -0.41 -23.30
N VAL A 96 -6.57 0.51 -22.57
CA VAL A 96 -7.34 1.57 -23.20
C VAL A 96 -6.39 2.62 -23.78
N SER A 97 -6.72 3.11 -24.97
CA SER A 97 -5.93 4.11 -25.68
C SER A 97 -6.29 5.55 -25.32
N ASN A 98 -5.35 6.47 -25.50
CA ASN A 98 -5.61 7.89 -25.31
C ASN A 98 -5.98 8.59 -26.62
N GLN A 99 -5.95 7.85 -27.74
CA GLN A 99 -6.28 8.42 -29.04
C GLN A 99 -7.72 8.16 -29.42
N GLU A 100 -8.21 8.97 -30.34
CA GLU A 100 -9.61 8.93 -30.73
C GLU A 100 -9.78 7.83 -31.75
N PHE A 101 -11.03 7.43 -31.98
CA PHE A 101 -11.35 6.41 -32.96
C PHE A 101 -11.03 6.96 -34.33
N THR A 102 -10.53 6.10 -35.20
CA THR A 102 -10.34 6.45 -36.60
C THR A 102 -11.62 6.12 -37.34
N GLU A 103 -11.73 6.61 -38.57
CA GLU A 103 -12.87 6.34 -39.42
C GLU A 103 -12.95 4.84 -39.70
N SER A 104 -11.80 4.24 -39.96
CA SER A 104 -11.72 2.81 -40.27
C SER A 104 -12.19 1.96 -39.09
N GLU A 105 -11.76 2.34 -37.90
CA GLU A 105 -12.17 1.65 -36.69
C GLU A 105 -13.69 1.74 -36.52
N PHE A 106 -14.21 2.96 -36.65
CA PHE A 106 -15.63 3.20 -36.47
C PHE A 106 -16.42 2.35 -37.49
N MET A 107 -15.94 2.33 -38.73
CA MET A 107 -16.59 1.55 -39.77
C MET A 107 -16.55 0.03 -39.53
N LYS A 108 -15.41 -0.47 -39.05
CA LYS A 108 -15.33 -1.87 -38.68
C LYS A 108 -16.36 -2.19 -37.60
N TRP A 109 -16.45 -1.31 -36.61
CA TRP A 109 -17.41 -1.49 -35.52
C TRP A 109 -18.88 -1.44 -35.98
N LYS A 110 -19.22 -0.52 -36.88
CA LYS A 110 -20.52 -0.54 -37.54
C LYS A 110 -20.76 -1.89 -38.23
N GLU A 111 -19.80 -2.34 -39.03
CA GLU A 111 -19.97 -3.62 -39.73
C GLU A 111 -20.21 -4.74 -38.71
N ALA A 112 -19.44 -4.72 -37.61
CA ALA A 112 -19.59 -5.74 -36.57
C ALA A 112 -20.99 -5.71 -35.97
N MET A 113 -21.45 -4.53 -35.58
CA MET A 113 -22.81 -4.36 -35.03
C MET A 113 -23.89 -4.79 -36.03
N PHE A 114 -23.70 -4.42 -37.27
CA PHE A 114 -24.66 -4.71 -38.32
C PHE A 114 -24.79 -6.21 -38.52
N SER A 115 -23.65 -6.89 -38.63
CA SER A 115 -23.65 -8.35 -38.81
C SER A 115 -24.32 -9.02 -37.62
N ALA A 116 -24.18 -8.45 -36.44
CA ALA A 116 -24.76 -9.08 -35.26
C ALA A 116 -26.24 -8.69 -35.04
N GLY A 117 -26.75 -7.80 -35.88
CA GLY A 117 -28.07 -7.24 -35.68
C GLY A 117 -28.20 -6.47 -34.37
N MET A 118 -27.15 -5.75 -33.97
CA MET A 118 -27.22 -5.00 -32.73
C MET A 118 -27.56 -3.58 -33.02
N GLN A 119 -28.57 -3.05 -32.32
CA GLN A 119 -28.96 -1.67 -32.52
C GLN A 119 -27.82 -0.75 -32.13
N LEU A 120 -27.51 0.19 -33.01
CA LEU A 120 -26.55 1.24 -32.70
C LEU A 120 -27.17 2.22 -31.75
N PRO A 121 -26.34 2.88 -30.95
CA PRO A 121 -26.88 3.95 -30.12
C PRO A 121 -27.36 5.16 -30.94
N THR A 122 -28.44 5.79 -30.52
CA THR A 122 -28.93 7.01 -31.16
C THR A 122 -28.12 8.23 -30.68
N LEU A 123 -28.13 9.30 -31.46
CA LEU A 123 -27.51 10.56 -31.04
C LEU A 123 -28.02 11.01 -29.71
N ASP A 124 -29.32 10.83 -29.50
CA ASP A 124 -29.94 11.21 -28.24
C ASP A 124 -29.31 10.50 -27.03
N GLU A 125 -29.21 9.16 -27.09
CA GLU A 125 -28.67 8.38 -25.99
C GLU A 125 -27.29 8.89 -25.67
N ILE A 126 -26.59 9.29 -26.73
CA ILE A 126 -25.21 9.72 -26.67
C ILE A 126 -25.06 11.08 -26.02
N ASN A 127 -25.85 12.04 -26.47
CA ASN A 127 -25.80 13.35 -25.87
C ASN A 127 -26.22 13.25 -24.40
N LYS A 128 -27.22 12.43 -24.14
CA LYS A 128 -27.68 12.26 -22.77
C LYS A 128 -26.53 11.72 -21.92
N LYS A 129 -25.88 10.67 -22.40
CA LYS A 129 -24.75 10.12 -21.69
C LYS A 129 -23.62 11.17 -21.47
N GLU A 130 -23.29 11.90 -22.52
CA GLU A 130 -22.29 12.95 -22.49
C GLU A 130 -22.57 13.94 -21.37
N LEU A 131 -23.82 14.38 -21.28
CA LEU A 131 -24.24 15.26 -20.18
C LEU A 131 -24.15 14.59 -18.81
N SER A 132 -24.66 13.36 -18.73
CA SER A 132 -24.76 12.64 -17.46
C SER A 132 -23.37 12.44 -16.82
N ILE A 133 -22.36 12.24 -17.67
CA ILE A 133 -20.98 12.15 -17.20
C ILE A 133 -20.58 13.39 -16.41
N LYS A 134 -20.73 14.55 -17.03
CA LYS A 134 -20.32 15.81 -16.40
C LYS A 134 -21.15 16.11 -15.15
N GLU A 135 -22.46 15.85 -15.21
CA GLU A 135 -23.28 15.95 -14.00
C GLU A 135 -22.69 15.12 -12.85
N ALA A 136 -22.39 13.85 -13.10
CA ALA A 136 -21.75 12.99 -12.09
C ALA A 136 -20.38 13.53 -11.60
N LEU A 137 -19.83 14.50 -12.33
CA LEU A 137 -18.53 15.09 -12.01
C LEU A 137 -18.63 16.60 -11.77
N THR B 4 -38.84 2.80 7.61
CA THR B 4 -37.48 3.21 7.31
C THR B 4 -36.73 3.72 8.55
N HIS B 5 -35.54 3.18 8.77
CA HIS B 5 -34.87 3.26 10.06
C HIS B 5 -33.78 4.34 10.08
N MET B 6 -33.74 5.10 11.18
CA MET B 6 -32.77 6.19 11.34
C MET B 6 -31.59 5.71 12.15
N VAL B 7 -30.47 6.36 11.99
CA VAL B 7 -29.30 6.06 12.76
C VAL B 7 -29.61 6.24 14.20
N SER B 8 -29.14 5.35 15.04
CA SER B 8 -29.34 5.48 16.44
C SER B 8 -28.21 5.01 17.31
N LEU B 9 -27.16 4.49 16.72
CA LEU B 9 -26.01 4.08 17.49
C LEU B 9 -24.76 4.68 16.92
N PRO B 10 -23.79 4.95 17.76
CA PRO B 10 -22.47 5.40 17.33
C PRO B 10 -21.82 4.42 16.35
N GLU B 11 -21.93 3.11 16.62
CA GLU B 11 -21.34 2.08 15.74
C GLU B 11 -21.78 2.29 14.30
N GLU B 12 -23.05 2.66 14.12
CA GLU B 12 -23.60 2.89 12.79
C GLU B 12 -22.95 4.12 12.17
N LEU B 13 -22.81 5.20 12.93
CA LEU B 13 -22.33 6.46 12.38
C LEU B 13 -20.82 6.37 12.15
N ASN B 14 -20.14 5.55 12.94
CA ASN B 14 -18.71 5.31 12.80
C ASN B 14 -18.37 4.76 11.43
N ARG B 15 -19.32 4.08 10.81
CA ARG B 15 -19.14 3.47 9.48
C ARG B 15 -18.80 4.49 8.40
N VAL B 16 -19.22 5.73 8.61
CA VAL B 16 -18.96 6.78 7.64
C VAL B 16 -18.13 7.87 8.30
N ARG B 17 -17.48 7.51 9.41
CA ARG B 17 -16.51 8.39 10.06
C ARG B 17 -15.18 8.30 9.34
N LEU B 18 -14.68 9.42 8.86
CA LEU B 18 -13.33 9.45 8.30
C LEU B 18 -12.32 9.89 9.33
N SER B 19 -11.26 9.10 9.47
CA SER B 19 -10.13 9.41 10.34
C SER B 19 -9.23 10.46 9.69
N ARG B 20 -8.36 11.07 10.48
CA ARG B 20 -7.40 12.01 9.94
C ARG B 20 -6.41 11.34 8.97
N HIS B 21 -5.95 10.13 9.30
CA HIS B 21 -5.06 9.39 8.40
C HIS B 21 -5.63 9.27 6.98
N LYS B 22 -6.92 8.98 6.89
CA LYS B 22 -7.58 8.77 5.60
C LYS B 22 -7.65 10.07 4.83
N LEU B 23 -8.12 11.11 5.52
CA LEU B 23 -8.16 12.46 4.97
C LEU B 23 -6.78 12.85 4.41
N GLU B 24 -5.74 12.62 5.18
CA GLU B 24 -4.36 12.85 4.74
C GLU B 24 -3.97 12.02 3.52
N ARG B 25 -4.27 10.73 3.55
CA ARG B 25 -4.01 9.86 2.40
C ARG B 25 -4.70 10.37 1.13
N TRP B 26 -5.91 10.86 1.29
CA TRP B 26 -6.75 11.19 0.14
C TRP B 26 -6.71 12.66 -0.30
N CYS B 27 -6.12 13.56 0.49
CA CYS B 27 -6.37 14.99 0.26
C CYS B 27 -5.84 15.52 -1.08
N HIS B 28 -4.98 14.78 -1.76
CA HIS B 28 -4.51 15.23 -3.08
C HIS B 28 -5.15 14.46 -4.22
N MET B 29 -6.08 13.57 -3.89
CA MET B 29 -6.78 12.79 -4.92
C MET B 29 -7.78 13.67 -5.67
N PRO B 30 -8.01 13.36 -6.95
CA PRO B 30 -8.89 14.17 -7.79
C PRO B 30 -10.38 14.24 -7.36
N PHE B 31 -10.95 13.23 -6.71
CA PHE B 31 -12.34 13.33 -6.29
C PHE B 31 -12.48 13.24 -4.76
N PHE B 32 -11.66 14.05 -4.10
CA PHE B 32 -11.62 14.11 -2.67
C PHE B 32 -12.98 14.66 -2.19
N ALA B 33 -13.39 15.76 -2.80
CA ALA B 33 -14.64 16.42 -2.41
C ALA B 33 -15.85 15.47 -2.47
N LYS B 34 -16.05 14.84 -3.62
CA LYS B 34 -17.19 13.95 -3.86
C LYS B 34 -17.20 12.81 -2.83
N THR B 35 -16.05 12.18 -2.66
CA THR B 35 -15.89 11.07 -1.74
C THR B 35 -16.23 11.46 -0.29
N VAL B 36 -15.62 12.53 0.22
CA VAL B 36 -15.74 12.84 1.64
C VAL B 36 -17.05 13.52 2.01
N THR B 37 -17.63 14.22 1.07
CA THR B 37 -18.89 14.91 1.33
C THR B 37 -19.98 13.91 1.62
N GLY B 38 -20.62 14.06 2.77
CA GLY B 38 -21.63 13.13 3.22
C GLY B 38 -21.08 12.25 4.33
N CYS B 39 -19.76 12.21 4.46
CA CYS B 39 -19.15 11.51 5.57
C CYS B 39 -19.14 12.40 6.80
N PHE B 40 -18.82 11.78 7.92
CA PHE B 40 -18.78 12.45 9.20
C PHE B 40 -17.35 12.42 9.70
N VAL B 41 -17.09 13.26 10.69
CA VAL B 41 -15.81 13.25 11.35
C VAL B 41 -16.01 13.55 12.84
N ARG B 42 -15.02 13.14 13.63
CA ARG B 42 -14.90 13.53 15.03
C ARG B 42 -13.90 14.68 15.10
N ILE B 43 -14.39 15.87 15.38
CA ILE B 43 -13.56 17.07 15.26
C ILE B 43 -13.25 17.66 16.64
N GLY B 44 -11.97 17.98 16.87
CA GLY B 44 -11.57 18.59 18.14
C GLY B 44 -11.80 20.08 18.05
N ILE B 45 -12.72 20.61 18.87
CA ILE B 45 -13.15 22.00 18.72
C ILE B 45 -12.50 22.94 19.74
N GLY B 46 -11.79 22.34 20.70
CA GLY B 46 -11.04 23.11 21.66
C GLY B 46 -10.87 22.37 22.96
N ASN B 47 -10.47 23.11 23.98
CA ASN B 47 -10.32 22.55 25.30
C ASN B 47 -11.31 23.17 26.26
N HIS B 48 -11.71 22.37 27.24
CA HIS B 48 -12.44 22.87 28.37
C HIS B 48 -11.69 22.36 29.58
N ASN B 49 -11.33 23.27 30.49
CA ASN B 49 -10.49 22.95 31.65
C ASN B 49 -9.19 22.27 31.24
N SER B 50 -8.62 22.69 30.11
CA SER B 50 -7.39 22.10 29.60
C SER B 50 -7.59 20.63 29.24
N LYS B 51 -8.83 20.23 28.94
CA LYS B 51 -9.11 18.88 28.43
C LYS B 51 -9.76 18.96 27.04
N PRO B 52 -9.36 18.07 26.12
CA PRO B 52 -9.86 18.19 24.74
C PRO B 52 -11.30 17.77 24.56
N VAL B 53 -12.03 18.55 23.77
CA VAL B 53 -13.45 18.33 23.54
C VAL B 53 -13.67 18.02 22.07
N TYR B 54 -14.49 17.02 21.80
CA TYR B 54 -14.73 16.57 20.44
C TYR B 54 -16.22 16.57 20.14
N ARG B 55 -16.56 16.79 18.86
CA ARG B 55 -17.92 16.72 18.42
C ARG B 55 -18.02 15.92 17.13
N VAL B 56 -19.19 15.37 16.95
CA VAL B 56 -19.63 14.82 15.70
C VAL B 56 -20.00 15.97 14.79
N ALA B 57 -19.57 15.88 13.55
CA ALA B 57 -19.99 16.82 12.52
C ALA B 57 -20.00 16.13 11.17
N GLU B 58 -20.90 16.56 10.29
CA GLU B 58 -20.99 16.05 8.93
C GLU B 58 -20.18 16.96 8.00
N ILE B 59 -19.47 16.36 7.06
CA ILE B 59 -18.80 17.13 6.01
C ILE B 59 -19.82 17.50 4.94
N THR B 60 -20.03 18.79 4.72
CA THR B 60 -20.97 19.24 3.68
C THR B 60 -20.25 19.77 2.45
N GLY B 61 -18.94 19.97 2.58
CA GLY B 61 -18.14 20.39 1.43
C GLY B 61 -16.68 20.57 1.73
N VAL B 62 -15.92 20.85 0.68
CA VAL B 62 -14.52 21.15 0.84
C VAL B 62 -14.30 22.58 0.35
N VAL B 63 -13.58 23.35 1.13
CA VAL B 63 -13.30 24.73 0.81
C VAL B 63 -11.80 25.05 0.96
N GLU B 64 -11.43 26.29 0.69
CA GLU B 64 -10.05 26.73 0.80
C GLU B 64 -9.85 27.52 2.09
N THR B 65 -8.74 27.28 2.77
CA THR B 65 -8.35 28.07 3.93
C THR B 65 -7.55 29.29 3.48
N ALA B 66 -7.36 30.25 4.39
CA ALA B 66 -6.61 31.47 4.10
C ALA B 66 -5.16 31.15 3.80
N LYS B 67 -4.59 30.26 4.59
CA LYS B 67 -3.19 29.89 4.47
C LYS B 67 -3.05 28.42 4.10
N VAL B 68 -2.01 28.12 3.32
CA VAL B 68 -1.54 26.75 3.23
C VAL B 68 -1.02 26.39 4.62
N TYR B 69 -1.27 25.16 5.05
CA TYR B 69 -0.76 24.72 6.35
C TYR B 69 -0.23 23.31 6.23
N GLN B 70 0.45 22.90 7.29
CA GLN B 70 1.08 21.61 7.35
C GLN B 70 0.08 20.60 7.86
N LEU B 71 0.00 19.48 7.17
CA LEU B 71 -0.92 18.41 7.53
C LEU B 71 -0.14 17.14 7.31
N GLY B 72 0.14 16.43 8.41
CA GLY B 72 1.00 15.29 8.34
C GLY B 72 2.33 15.69 7.76
N GLY B 73 2.73 15.02 6.71
CA GLY B 73 3.92 15.35 6.01
C GLY B 73 3.75 16.11 4.72
N THR B 74 2.58 16.67 4.51
CA THR B 74 2.36 17.45 3.34
C THR B 74 1.92 18.83 3.67
N ARG B 75 1.44 19.50 2.66
CA ARG B 75 0.99 20.85 2.80
C ARG B 75 -0.31 21.01 2.06
N THR B 76 -1.23 21.78 2.61
CA THR B 76 -2.53 21.86 1.95
C THR B 76 -3.25 23.16 2.28
N ASN B 77 -4.22 23.48 1.43
CA ASN B 77 -5.02 24.69 1.53
C ASN B 77 -6.48 24.31 1.76
N LYS B 78 -6.72 23.02 1.98
CA LYS B 78 -8.06 22.50 2.04
C LYS B 78 -8.60 22.57 3.45
N GLY B 79 -9.86 22.99 3.55
CA GLY B 79 -10.58 22.92 4.80
C GLY B 79 -11.87 22.17 4.55
N LEU B 80 -12.42 21.58 5.61
CA LEU B 80 -13.71 20.90 5.54
C LEU B 80 -14.80 21.81 6.06
N GLN B 81 -15.86 21.95 5.27
CA GLN B 81 -17.07 22.62 5.73
C GLN B 81 -17.85 21.60 6.55
N LEU B 82 -18.02 21.88 7.84
CA LEU B 82 -18.62 20.94 8.77
C LEU B 82 -19.91 21.45 9.38
N ARG B 83 -20.87 20.54 9.54
CA ARG B 83 -22.19 20.85 10.09
C ARG B 83 -22.50 20.05 11.38
N HIS B 84 -22.91 20.76 12.43
CA HIS B 84 -23.34 20.16 13.70
C HIS B 84 -24.67 20.82 14.08
N GLY B 85 -25.78 20.14 13.80
CA GLY B 85 -27.09 20.76 13.91
C GLY B 85 -27.10 21.94 12.98
N ASN B 86 -27.28 23.14 13.51
CA ASN B 86 -27.27 24.34 12.68
C ASN B 86 -25.90 24.99 12.60
N ASP B 87 -24.96 24.52 13.42
CA ASP B 87 -23.63 25.15 13.45
C ASP B 87 -22.81 24.68 12.26
N GLN B 88 -22.50 25.59 11.35
CA GLN B 88 -21.63 25.31 10.20
C GLN B 88 -20.32 26.07 10.29
N ARG B 89 -19.22 25.36 10.23
CA ARG B 89 -17.91 25.98 10.40
C ARG B 89 -16.89 25.27 9.53
N VAL B 90 -15.85 26.02 9.15
CA VAL B 90 -14.75 25.47 8.39
C VAL B 90 -13.62 25.07 9.32
N PHE B 91 -13.12 23.85 9.13
CA PHE B 91 -12.03 23.34 9.95
C PHE B 91 -10.92 22.82 9.08
N ARG B 92 -9.69 23.13 9.46
CA ARG B 92 -8.51 22.47 8.91
C ARG B 92 -8.59 20.98 9.21
N LEU B 93 -7.96 20.18 8.36
CA LEU B 93 -8.01 18.73 8.53
C LEU B 93 -7.23 18.28 9.75
N GLU B 94 -6.34 19.13 10.27
CA GLU B 94 -5.48 18.69 11.35
C GLU B 94 -6.27 18.43 12.64
N PHE B 95 -7.47 19.01 12.77
CA PHE B 95 -8.23 18.90 14.01
C PHE B 95 -9.19 17.73 13.98
N VAL B 96 -9.19 16.99 12.87
CA VAL B 96 -9.98 15.76 12.78
C VAL B 96 -9.30 14.67 13.59
N SER B 97 -10.06 13.95 14.40
CA SER B 97 -9.51 12.90 15.27
C SER B 97 -9.34 11.59 14.51
N ASN B 98 -8.49 10.72 15.04
CA ASN B 98 -8.35 9.35 14.53
C ASN B 98 -9.07 8.33 15.45
N GLN B 99 -9.75 8.83 16.47
CA GLN B 99 -10.48 7.99 17.39
C GLN B 99 -11.95 7.96 17.01
N GLU B 100 -12.65 6.92 17.41
CA GLU B 100 -14.06 6.81 17.08
C GLU B 100 -14.94 7.63 18.04
N PHE B 101 -16.17 7.89 17.61
CA PHE B 101 -17.15 8.58 18.44
C PHE B 101 -17.42 7.84 19.71
N THR B 102 -17.59 8.57 20.81
CA THR B 102 -18.10 7.98 22.03
C THR B 102 -19.63 8.06 21.99
N GLU B 103 -20.28 7.30 22.86
CA GLU B 103 -21.74 7.28 22.91
C GLU B 103 -22.25 8.65 23.34
N SER B 104 -21.53 9.27 24.26
CA SER B 104 -21.91 10.57 24.77
C SER B 104 -21.84 11.65 23.65
N GLU B 105 -20.81 11.59 22.82
CA GLU B 105 -20.65 12.56 21.75
C GLU B 105 -21.76 12.40 20.73
N PHE B 106 -22.12 11.14 20.51
CA PHE B 106 -23.18 10.77 19.59
C PHE B 106 -24.52 11.27 20.08
N MET B 107 -24.81 11.01 21.36
CA MET B 107 -26.09 11.45 21.95
C MET B 107 -26.19 12.97 21.92
N LYS B 108 -25.11 13.63 22.30
CA LYS B 108 -25.07 15.09 22.20
C LYS B 108 -25.44 15.50 20.77
N TRP B 109 -24.79 14.88 19.78
CA TRP B 109 -25.11 15.23 18.40
C TRP B 109 -26.60 15.02 18.09
N LYS B 110 -27.14 13.89 18.52
CA LYS B 110 -28.54 13.57 18.26
C LYS B 110 -29.46 14.65 18.81
N GLU B 111 -29.22 15.04 20.06
CA GLU B 111 -30.01 16.07 20.73
C GLU B 111 -29.87 17.42 20.03
N ALA B 112 -28.64 17.74 19.63
CA ALA B 112 -28.36 18.97 18.88
C ALA B 112 -29.08 18.96 17.54
N MET B 113 -29.16 17.80 16.90
CA MET B 113 -29.90 17.67 15.64
C MET B 113 -31.41 17.86 15.86
N PHE B 114 -31.92 17.27 16.93
CA PHE B 114 -33.33 17.45 17.25
C PHE B 114 -33.63 18.93 17.57
N SER B 115 -32.90 19.53 18.50
CA SER B 115 -33.08 20.94 18.84
C SER B 115 -33.07 21.86 17.61
N ALA B 116 -32.26 21.51 16.63
CA ALA B 116 -32.11 22.30 15.41
C ALA B 116 -33.21 22.01 14.39
N GLY B 117 -33.95 20.93 14.63
CA GLY B 117 -35.03 20.51 13.73
C GLY B 117 -34.46 19.94 12.45
N MET B 118 -33.33 19.24 12.59
CA MET B 118 -32.66 18.62 11.46
C MET B 118 -32.96 17.12 11.35
N GLN B 119 -33.10 16.64 10.13
CA GLN B 119 -33.39 15.24 9.90
C GLN B 119 -32.11 14.44 10.07
N LEU B 120 -32.18 13.34 10.81
CA LEU B 120 -31.03 12.46 10.96
C LEU B 120 -30.81 11.67 9.68
N PRO B 121 -29.58 11.20 9.46
CA PRO B 121 -29.36 10.29 8.33
C PRO B 121 -30.05 8.95 8.59
N THR B 122 -30.58 8.31 7.55
CA THR B 122 -31.10 6.96 7.66
C THR B 122 -29.99 5.94 7.62
N LEU B 123 -30.24 4.76 8.18
CA LEU B 123 -29.25 3.69 8.20
C LEU B 123 -28.86 3.34 6.76
N ASP B 124 -29.83 3.40 5.86
CA ASP B 124 -29.60 3.01 4.47
C ASP B 124 -28.65 4.00 3.77
N GLU B 125 -28.86 5.30 3.97
CA GLU B 125 -27.97 6.32 3.43
C GLU B 125 -26.53 6.04 3.89
N ILE B 126 -26.39 5.78 5.19
CA ILE B 126 -25.10 5.46 5.78
C ILE B 126 -24.45 4.28 5.08
N ASN B 127 -25.19 3.17 5.03
CA ASN B 127 -24.63 1.96 4.47
C ASN B 127 -24.27 2.18 3.00
N LYS B 128 -25.10 2.92 2.30
CA LYS B 128 -24.83 3.15 0.87
C LYS B 128 -23.58 4.03 0.70
N LYS B 129 -23.43 5.04 1.54
CA LYS B 129 -22.28 5.90 1.45
C LYS B 129 -21.02 5.06 1.69
N GLU B 130 -21.00 4.36 2.81
CA GLU B 130 -19.90 3.48 3.16
C GLU B 130 -19.57 2.51 2.02
N LEU B 131 -20.60 1.89 1.48
CA LEU B 131 -20.38 0.93 0.41
C LEU B 131 -19.72 1.60 -0.78
N SER B 132 -20.19 2.80 -1.13
CA SER B 132 -19.63 3.53 -2.27
C SER B 132 -18.14 3.80 -2.02
N ILE B 133 -17.79 4.16 -0.79
CA ILE B 133 -16.37 4.34 -0.50
C ILE B 133 -15.57 3.03 -0.58
N LYS B 134 -16.07 1.97 0.04
CA LYS B 134 -15.35 0.71 -0.03
C LYS B 134 -15.17 0.22 -1.47
N GLU B 135 -16.18 0.44 -2.31
CA GLU B 135 -16.08 0.05 -3.72
C GLU B 135 -15.07 0.91 -4.47
N ALA B 136 -15.06 2.21 -4.20
CA ALA B 136 -14.13 3.10 -4.88
C ALA B 136 -12.64 2.77 -4.62
N LEU B 137 -12.30 2.36 -3.41
CA LEU B 137 -10.91 1.98 -3.12
C LEU B 137 -10.44 0.79 -3.96
N THR C 4 36.57 0.64 -8.99
CA THR C 4 37.37 -0.32 -9.74
C THR C 4 36.57 -1.00 -10.86
N HIS C 5 35.59 -1.84 -10.48
CA HIS C 5 34.78 -2.57 -11.46
C HIS C 5 33.63 -1.71 -12.03
N MET C 6 33.56 -1.62 -13.35
CA MET C 6 32.57 -0.79 -14.01
C MET C 6 31.38 -1.63 -14.42
N VAL C 7 30.23 -1.01 -14.58
CA VAL C 7 29.07 -1.71 -15.04
C VAL C 7 29.34 -2.36 -16.37
N SER C 8 28.88 -3.59 -16.54
CA SER C 8 29.09 -4.28 -17.77
C SER C 8 27.95 -5.15 -18.21
N LEU C 9 26.88 -5.21 -17.44
CA LEU C 9 25.73 -5.99 -17.83
C LEU C 9 24.48 -5.20 -17.66
N PRO C 10 23.51 -5.42 -18.52
CA PRO C 10 22.19 -4.81 -18.41
C PRO C 10 21.46 -5.09 -17.08
N GLU C 11 21.66 -6.28 -16.51
CA GLU C 11 21.05 -6.63 -15.23
C GLU C 11 21.50 -5.65 -14.16
N GLU C 12 22.75 -5.23 -14.23
CA GLU C 12 23.34 -4.37 -13.20
C GLU C 12 22.75 -2.98 -13.30
N LEU C 13 22.58 -2.50 -14.52
CA LEU C 13 22.02 -1.16 -14.71
C LEU C 13 20.53 -1.17 -14.48
N ASN C 14 19.86 -2.30 -14.72
CA ASN C 14 18.44 -2.38 -14.42
C ASN C 14 18.16 -2.13 -12.94
N ARG C 15 19.16 -2.34 -12.09
CA ARG C 15 19.01 -2.09 -10.66
C ARG C 15 18.69 -0.65 -10.31
N VAL C 16 19.11 0.30 -11.14
CA VAL C 16 18.75 1.68 -10.91
C VAL C 16 17.92 2.25 -12.05
N ARG C 17 17.23 1.36 -12.78
CA ARG C 17 16.27 1.77 -13.78
C ARG C 17 14.94 2.09 -13.10
N LEU C 18 14.39 3.27 -13.35
CA LEU C 18 13.05 3.61 -12.90
C LEU C 18 12.03 3.50 -14.03
N SER C 19 11.00 2.72 -13.78
CA SER C 19 9.86 2.64 -14.68
C SER C 19 9.01 3.92 -14.64
N ARG C 20 8.09 4.07 -15.58
CA ARG C 20 7.20 5.23 -15.60
C ARG C 20 6.23 5.19 -14.42
N HIS C 21 5.78 3.99 -14.09
CA HIS C 21 4.93 3.81 -12.91
C HIS C 21 5.50 4.43 -11.63
N LYS C 22 6.79 4.17 -11.34
CA LYS C 22 7.38 4.66 -10.09
C LYS C 22 7.49 6.14 -10.13
N LEU C 23 8.01 6.63 -11.26
CA LEU C 23 8.10 8.06 -11.48
C LEU C 23 6.72 8.70 -11.23
N GLU C 24 5.65 8.07 -11.74
CA GLU C 24 4.30 8.63 -11.56
C GLU C 24 3.86 8.59 -10.11
N ARG C 25 4.07 7.47 -9.44
CA ARG C 25 3.76 7.35 -8.00
C ARG C 25 4.52 8.40 -7.15
N TRP C 26 5.76 8.68 -7.54
CA TRP C 26 6.63 9.54 -6.75
C TRP C 26 6.64 11.02 -7.14
N CYS C 27 6.11 11.37 -8.30
CA CYS C 27 6.40 12.68 -8.89
C CYS C 27 5.88 13.87 -8.06
N HIS C 28 4.89 13.66 -7.19
CA HIS C 28 4.44 14.76 -6.32
C HIS C 28 5.04 14.73 -4.93
N MET C 29 5.95 13.81 -4.66
CA MET C 29 6.55 13.72 -3.33
C MET C 29 7.76 14.63 -3.15
N PRO C 30 7.96 15.16 -1.94
CA PRO C 30 9.18 15.93 -1.70
C PRO C 30 10.40 15.03 -1.84
N PHE C 31 11.53 15.58 -2.27
CA PHE C 31 12.75 14.78 -2.46
C PHE C 31 12.65 13.85 -3.68
N PHE C 32 11.74 14.18 -4.58
CA PHE C 32 11.62 13.45 -5.85
C PHE C 32 12.94 13.60 -6.59
N ALA C 33 13.46 14.83 -6.67
CA ALA C 33 14.67 15.06 -7.42
C ALA C 33 15.89 14.38 -6.82
N LYS C 34 16.02 14.44 -5.50
CA LYS C 34 17.15 13.82 -4.85
C LYS C 34 17.12 12.31 -5.09
N THR C 35 15.93 11.76 -5.09
CA THR C 35 15.78 10.34 -5.19
C THR C 35 16.12 9.91 -6.60
N VAL C 36 15.45 10.50 -7.59
CA VAL C 36 15.54 9.98 -8.93
C VAL C 36 16.86 10.36 -9.60
N THR C 37 17.48 11.42 -9.12
CA THR C 37 18.77 11.83 -9.67
C THR C 37 19.83 10.75 -9.46
N GLY C 38 20.50 10.38 -10.55
CA GLY C 38 21.49 9.33 -10.51
C GLY C 38 20.92 8.02 -11.05
N CYS C 39 19.60 7.92 -11.07
CA CYS C 39 18.98 6.73 -11.64
C CYS C 39 19.00 6.80 -13.16
N PHE C 40 18.63 5.69 -13.77
CA PHE C 40 18.55 5.62 -15.22
C PHE C 40 17.14 5.32 -15.63
N VAL C 41 16.84 5.61 -16.89
CA VAL C 41 15.58 5.26 -17.50
C VAL C 41 15.77 4.75 -18.90
N ARG C 42 14.76 4.00 -19.34
CA ARG C 42 14.62 3.60 -20.73
C ARG C 42 13.64 4.59 -21.34
N ILE C 43 14.16 5.45 -22.21
CA ILE C 43 13.36 6.55 -22.76
C ILE C 43 12.96 6.27 -24.21
N GLY C 44 11.70 6.56 -24.55
CA GLY C 44 11.18 6.34 -25.89
C GLY C 44 11.40 7.59 -26.73
N ILE C 45 12.25 7.49 -27.74
CA ILE C 45 12.67 8.67 -28.49
C ILE C 45 12.12 8.69 -29.92
N GLY C 46 11.61 7.56 -30.40
CA GLY C 46 11.12 7.51 -31.77
C GLY C 46 10.60 6.16 -32.17
N LYS C 51 8.08 0.97 -34.76
CA LYS C 51 8.53 2.35 -34.60
C LYS C 51 9.27 2.51 -33.33
N PRO C 52 8.95 1.72 -32.32
CA PRO C 52 9.45 1.97 -30.98
C PRO C 52 10.93 1.81 -30.82
N VAL C 53 11.62 2.91 -30.67
CA VAL C 53 13.01 2.90 -30.37
C VAL C 53 13.34 3.55 -29.05
N TYR C 54 14.21 2.91 -28.30
CA TYR C 54 14.47 3.30 -26.95
C TYR C 54 15.94 3.54 -26.62
N ARG C 55 16.21 4.43 -25.70
CA ARG C 55 17.58 4.71 -25.33
C ARG C 55 17.76 4.64 -23.82
N VAL C 56 18.94 4.18 -23.43
CA VAL C 56 19.36 4.25 -22.05
C VAL C 56 19.73 5.69 -21.80
N ALA C 57 19.21 6.24 -20.71
CA ALA C 57 19.58 7.61 -20.33
C ALA C 57 19.73 7.71 -18.83
N GLU C 58 20.71 8.52 -18.40
CA GLU C 58 20.87 8.82 -16.97
C GLU C 58 20.06 10.09 -16.66
N ILE C 59 19.40 10.09 -15.50
CA ILE C 59 18.72 11.29 -14.99
C ILE C 59 19.72 12.16 -14.25
N THR C 60 20.00 13.35 -14.78
CA THR C 60 20.97 14.26 -14.18
C THR C 60 20.28 15.40 -13.42
N GLY C 61 18.95 15.49 -13.55
CA GLY C 61 18.21 16.48 -12.81
C GLY C 61 16.73 16.44 -13.12
N VAL C 62 15.98 17.28 -12.42
CA VAL C 62 14.55 17.41 -12.66
C VAL C 62 14.32 18.89 -12.79
N VAL C 63 13.56 19.29 -13.81
CA VAL C 63 13.24 20.71 -13.99
C VAL C 63 11.74 20.91 -14.18
N GLU C 64 11.32 22.16 -14.23
CA GLU C 64 9.95 22.52 -14.62
C GLU C 64 9.93 22.83 -16.10
N THR C 65 9.00 22.22 -16.83
CA THR C 65 8.77 22.60 -18.23
C THR C 65 7.74 23.72 -18.27
N ALA C 66 7.57 24.32 -19.44
CA ALA C 66 6.69 25.47 -19.60
C ALA C 66 5.22 25.09 -19.47
N LYS C 67 4.89 23.85 -19.81
CA LYS C 67 3.50 23.40 -19.92
C LYS C 67 3.20 22.22 -19.00
N VAL C 68 2.03 22.27 -18.36
CA VAL C 68 1.52 21.15 -17.58
C VAL C 68 0.95 20.14 -18.56
N TYR C 69 1.22 18.86 -18.33
CA TYR C 69 0.73 17.81 -19.21
C TYR C 69 0.16 16.70 -18.34
N GLN C 70 -0.75 15.94 -18.95
CA GLN C 70 -1.37 14.80 -18.31
C GLN C 70 -0.38 13.66 -18.29
N LEU C 71 -0.26 13.05 -17.12
CA LEU C 71 0.61 11.90 -16.91
C LEU C 71 -0.17 10.95 -16.01
N GLY C 72 -0.53 9.79 -16.53
CA GLY C 72 -1.37 8.87 -15.78
C GLY C 72 -2.68 9.53 -15.42
N GLY C 73 -3.06 9.40 -14.16
CA GLY C 73 -4.30 9.99 -13.67
C GLY C 73 -4.10 11.39 -13.11
N THR C 74 -2.87 11.89 -13.16
CA THR C 74 -2.55 13.21 -12.59
C THR C 74 -2.03 14.18 -13.66
N ARG C 75 -1.71 15.41 -13.25
CA ARG C 75 -1.06 16.39 -14.11
C ARG C 75 0.26 16.85 -13.50
N THR C 76 1.25 17.14 -14.34
CA THR C 76 2.52 17.70 -13.82
C THR C 76 3.18 18.60 -14.88
N ASN C 77 4.19 19.35 -14.47
CA ASN C 77 5.02 20.02 -15.46
C ASN C 77 6.48 19.62 -15.31
N LYS C 78 6.75 18.65 -14.43
CA LYS C 78 8.12 18.20 -14.20
C LYS C 78 8.66 17.54 -15.46
N GLY C 79 9.90 17.86 -15.79
CA GLY C 79 10.62 17.19 -16.85
C GLY C 79 11.87 16.57 -16.25
N LEU C 80 12.38 15.55 -16.91
CA LEU C 80 13.62 14.92 -16.51
C LEU C 80 14.75 15.43 -17.37
N GLN C 81 15.79 15.92 -16.72
CA GLN C 81 17.00 16.28 -17.43
C GLN C 81 17.78 15.00 -17.66
N LEU C 82 17.81 14.54 -18.91
CA LEU C 82 18.42 13.25 -19.25
C LEU C 82 19.69 13.39 -20.07
N ARG C 83 20.62 12.46 -19.85
CA ARG C 83 21.87 12.42 -20.59
C ARG C 83 22.11 11.04 -21.19
N HIS C 84 22.36 11.00 -22.50
CA HIS C 84 22.80 9.80 -23.22
C HIS C 84 24.14 10.08 -23.92
N GLY C 85 25.23 9.66 -23.30
CA GLY C 85 26.53 10.02 -23.81
C GLY C 85 26.77 11.50 -23.57
N ASN C 86 27.04 12.23 -24.65
CA ASN C 86 27.25 13.67 -24.56
C ASN C 86 25.95 14.44 -24.87
N ASP C 87 24.93 13.71 -25.35
CA ASP C 87 23.65 14.31 -25.66
C ASP C 87 22.80 14.45 -24.40
N GLN C 88 22.46 15.68 -24.06
CA GLN C 88 21.69 15.97 -22.87
C GLN C 88 20.44 16.78 -23.23
N ARG C 89 19.28 16.35 -22.74
CA ARG C 89 18.09 17.18 -22.93
C ARG C 89 16.93 16.77 -22.05
N VAL C 90 15.88 17.60 -22.09
CA VAL C 90 14.75 17.47 -21.19
C VAL C 90 13.60 16.67 -21.81
N PHE C 91 13.10 15.70 -21.03
CA PHE C 91 11.98 14.86 -21.46
C PHE C 91 10.83 14.84 -20.43
N ARG C 92 9.59 14.86 -20.92
CA ARG C 92 8.44 14.64 -20.08
C ARG C 92 8.48 13.23 -19.56
N LEU C 93 7.89 13.01 -18.40
CA LEU C 93 7.84 11.68 -17.79
C LEU C 93 7.08 10.68 -18.64
N GLU C 94 6.20 11.16 -19.52
CA GLU C 94 5.37 10.22 -20.26
C GLU C 94 6.15 9.35 -21.23
N PHE C 95 7.37 9.75 -21.58
CA PHE C 95 8.15 9.01 -22.57
C PHE C 95 9.05 7.93 -21.94
N VAL C 96 9.02 7.82 -20.62
CA VAL C 96 9.74 6.76 -19.93
C VAL C 96 9.01 5.41 -20.11
N SER C 97 9.77 4.36 -20.37
CA SER C 97 9.21 3.04 -20.56
C SER C 97 9.01 2.37 -19.21
N ASN C 98 8.14 1.35 -19.18
CA ASN C 98 8.01 0.46 -18.02
C ASN C 98 8.68 -0.90 -18.24
N GLN C 99 9.37 -1.05 -19.38
CA GLN C 99 10.05 -2.29 -19.67
C GLN C 99 11.55 -2.16 -19.32
N GLU C 100 12.22 -3.31 -19.28
CA GLU C 100 13.63 -3.39 -18.92
C GLU C 100 14.51 -3.04 -20.10
N PHE C 101 15.76 -2.71 -19.81
CA PHE C 101 16.77 -2.49 -20.84
C PHE C 101 17.04 -3.80 -21.54
N THR C 102 17.24 -3.75 -22.84
CA THR C 102 17.71 -4.89 -23.60
C THR C 102 19.24 -4.85 -23.66
N GLU C 103 19.84 -5.96 -24.07
CA GLU C 103 21.29 -6.08 -24.25
C GLU C 103 21.74 -5.12 -25.35
N SER C 104 20.96 -5.10 -26.43
CA SER C 104 21.21 -4.23 -27.55
C SER C 104 21.26 -2.75 -27.13
N GLU C 105 20.21 -2.28 -26.44
CA GLU C 105 20.16 -0.90 -25.94
C GLU C 105 21.37 -0.58 -25.06
N PHE C 106 21.71 -1.52 -24.21
CA PHE C 106 22.79 -1.32 -23.27
C PHE C 106 24.17 -1.26 -23.97
N MET C 107 24.39 -2.15 -24.94
CA MET C 107 25.62 -2.17 -25.73
C MET C 107 25.72 -0.89 -26.57
N LYS C 108 24.61 -0.51 -27.18
CA LYS C 108 24.53 0.75 -27.90
C LYS C 108 24.98 1.86 -26.95
N TRP C 109 24.37 1.90 -25.76
CA TRP C 109 24.70 2.92 -24.78
C TRP C 109 26.16 2.92 -24.35
N LYS C 110 26.75 1.76 -24.11
CA LYS C 110 28.20 1.71 -23.81
C LYS C 110 29.06 2.26 -24.93
N GLU C 111 28.75 1.87 -26.17
CA GLU C 111 29.46 2.42 -27.33
C GLU C 111 29.32 3.94 -27.37
N ALA C 112 28.09 4.44 -27.22
CA ALA C 112 27.86 5.88 -27.23
C ALA C 112 28.69 6.57 -26.13
N MET C 113 28.63 6.02 -24.93
CA MET C 113 29.46 6.51 -23.81
C MET C 113 30.95 6.51 -24.15
N PHE C 114 31.43 5.48 -24.85
CA PHE C 114 32.85 5.44 -25.13
C PHE C 114 33.26 6.46 -26.19
N SER C 115 32.46 6.56 -27.24
CA SER C 115 32.74 7.52 -28.31
C SER C 115 32.68 8.97 -27.83
N ALA C 116 31.89 9.25 -26.80
CA ALA C 116 31.76 10.62 -26.30
C ALA C 116 32.77 10.92 -25.19
N GLY C 117 33.51 9.91 -24.76
CA GLY C 117 34.49 10.07 -23.71
C GLY C 117 33.86 10.26 -22.34
N MET C 118 32.71 9.63 -22.12
CA MET C 118 32.02 9.70 -20.83
C MET C 118 32.43 8.56 -19.89
N GLN C 119 32.59 8.88 -18.61
CA GLN C 119 32.91 7.85 -17.65
C GLN C 119 31.64 7.07 -17.26
N LEU C 120 31.72 5.75 -17.30
CA LEU C 120 30.65 4.88 -16.88
C LEU C 120 30.48 4.84 -15.36
N PRO C 121 29.26 4.52 -14.88
CA PRO C 121 29.08 4.26 -13.44
C PRO C 121 29.73 2.95 -13.01
N THR C 122 30.30 2.94 -11.81
CA THR C 122 30.84 1.72 -11.23
C THR C 122 29.69 0.91 -10.67
N LEU C 123 29.91 -0.37 -10.45
CA LEU C 123 28.91 -1.26 -9.87
C LEU C 123 28.62 -0.83 -8.43
N ASP C 124 29.64 -0.30 -7.76
CA ASP C 124 29.48 0.14 -6.37
C ASP C 124 28.53 1.36 -6.24
N GLU C 125 28.65 2.30 -7.16
CA GLU C 125 27.73 3.44 -7.24
C GLU C 125 26.29 2.97 -7.47
N ILE C 126 26.14 2.07 -8.44
CA ILE C 126 24.83 1.48 -8.75
C ILE C 126 24.22 0.87 -7.49
N ASN C 127 24.96 -0.04 -6.88
CA ASN C 127 24.47 -0.73 -5.69
C ASN C 127 24.16 0.20 -4.53
N LYS C 128 25.01 1.19 -4.29
CA LYS C 128 24.73 2.16 -3.22
C LYS C 128 23.44 2.95 -3.53
N LYS C 129 23.30 3.36 -4.79
CA LYS C 129 22.16 4.13 -5.20
C LYS C 129 20.88 3.32 -4.97
N GLU C 130 20.85 2.11 -5.53
CA GLU C 130 19.70 1.20 -5.35
C GLU C 130 19.43 0.99 -3.88
N LEU C 131 20.48 0.83 -3.10
CA LEU C 131 20.30 0.57 -1.67
C LEU C 131 19.69 1.79 -0.96
N SER C 132 20.17 2.98 -1.34
CA SER C 132 19.70 4.22 -0.72
C SER C 132 18.23 4.42 -1.05
N ILE C 133 17.81 3.92 -2.22
CA ILE C 133 16.40 4.00 -2.54
C ILE C 133 15.56 2.94 -1.80
N LYS C 134 16.03 1.70 -1.79
CA LYS C 134 15.33 0.65 -1.03
C LYS C 134 15.15 1.07 0.43
N GLU C 135 16.19 1.67 1.02
CA GLU C 135 16.12 2.09 2.41
C GLU C 135 15.10 3.20 2.65
N ALA C 136 14.99 4.09 1.67
CA ALA C 136 14.08 5.23 1.78
C ALA C 136 12.62 4.77 1.81
N LEU C 137 12.30 3.74 1.04
CA LEU C 137 10.94 3.16 1.04
C LEU C 137 10.70 2.23 2.23
N ILE D 3 34.47 30.38 27.46
CA ILE D 3 35.14 30.58 26.17
C ILE D 3 34.48 29.71 25.10
N THR D 4 33.97 28.55 25.53
CA THR D 4 33.15 27.72 24.66
C THR D 4 31.71 27.77 25.14
N HIS D 5 30.81 28.26 24.29
CA HIS D 5 29.44 28.49 24.71
C HIS D 5 28.53 27.29 24.48
N MET D 6 27.84 26.91 25.54
CA MET D 6 26.99 25.74 25.54
C MET D 6 25.53 26.16 25.44
N VAL D 7 24.71 25.28 24.88
CA VAL D 7 23.28 25.55 24.84
C VAL D 7 22.83 25.74 26.28
N SER D 8 22.03 26.78 26.54
CA SER D 8 21.60 27.09 27.89
C SER D 8 20.11 27.46 27.95
N LEU D 9 19.47 27.50 26.78
CA LEU D 9 18.09 27.95 26.68
C LEU D 9 17.33 27.09 25.67
N PRO D 10 16.03 26.85 25.90
CA PRO D 10 15.20 26.06 24.99
C PRO D 10 15.14 26.60 23.57
N GLU D 11 15.10 27.93 23.43
CA GLU D 11 15.04 28.54 22.12
C GLU D 11 16.27 28.19 21.30
N GLU D 12 17.41 28.00 21.95
CA GLU D 12 18.64 27.64 21.23
C GLU D 12 18.56 26.18 20.71
N LEU D 13 18.10 25.27 21.57
CA LEU D 13 17.95 23.87 21.19
C LEU D 13 16.85 23.73 20.16
N ASN D 14 15.88 24.64 20.19
CA ASN D 14 14.83 24.65 19.19
C ASN D 14 15.31 24.75 17.75
N ARG D 15 16.50 25.32 17.54
CA ARG D 15 17.04 25.50 16.19
C ARG D 15 17.36 24.16 15.50
N VAL D 16 17.51 23.10 16.30
CA VAL D 16 17.74 21.77 15.77
C VAL D 16 16.63 20.81 16.23
N ARG D 17 15.50 21.35 16.63
CA ARG D 17 14.32 20.53 16.94
C ARG D 17 13.54 20.16 15.67
N LEU D 18 13.28 18.88 15.47
CA LEU D 18 12.46 18.44 14.33
C LEU D 18 11.04 18.18 14.80
N SER D 19 10.08 18.76 14.09
CA SER D 19 8.69 18.55 14.40
C SER D 19 8.24 17.24 13.80
N ARG D 20 7.02 16.82 14.12
CA ARG D 20 6.47 15.61 13.55
C ARG D 20 6.25 15.79 12.04
N HIS D 21 5.79 16.97 11.65
CA HIS D 21 5.59 17.33 10.25
C HIS D 21 6.83 17.13 9.42
N LYS D 22 7.94 17.69 9.92
CA LYS D 22 9.21 17.60 9.23
C LYS D 22 9.61 16.13 9.09
N LEU D 23 9.58 15.40 10.20
CA LEU D 23 9.97 14.00 10.15
C LEU D 23 9.07 13.20 9.19
N GLU D 24 7.77 13.53 9.16
CA GLU D 24 6.85 12.85 8.23
C GLU D 24 7.19 13.19 6.77
N ARG D 25 7.47 14.45 6.53
CA ARG D 25 7.83 14.93 5.22
C ARG D 25 9.17 14.34 4.74
N TRP D 26 10.11 14.12 5.66
CA TRP D 26 11.45 13.62 5.28
C TRP D 26 11.63 12.10 5.34
N CYS D 27 10.66 11.38 5.89
CA CYS D 27 10.91 9.99 6.27
C CYS D 27 11.11 9.07 5.07
N HIS D 28 11.04 9.61 3.88
CA HIS D 28 11.33 8.83 2.67
C HIS D 28 12.45 9.45 1.86
N MET D 29 13.11 10.48 2.38
CA MET D 29 14.24 11.09 1.67
C MET D 29 15.44 10.09 1.73
N PRO D 30 16.35 10.17 0.74
CA PRO D 30 17.67 9.51 0.83
C PRO D 30 18.43 10.01 2.05
N PHE D 31 19.04 9.10 2.81
CA PHE D 31 19.94 9.48 3.90
C PHE D 31 19.24 10.24 5.02
N PHE D 32 18.00 9.83 5.26
CA PHE D 32 17.20 10.33 6.38
C PHE D 32 17.98 10.18 7.69
N ALA D 33 18.62 9.02 7.86
CA ALA D 33 19.29 8.73 9.13
C ALA D 33 20.45 9.70 9.39
N LYS D 34 21.29 9.89 8.39
CA LYS D 34 22.43 10.81 8.49
C LYS D 34 21.94 12.20 8.90
N THR D 35 20.84 12.63 8.27
CA THR D 35 20.34 13.99 8.44
C THR D 35 19.76 14.20 9.82
N VAL D 36 18.91 13.28 10.27
CA VAL D 36 18.23 13.51 11.53
C VAL D 36 19.11 13.19 12.74
N THR D 37 20.09 12.31 12.56
CA THR D 37 20.99 11.97 13.67
C THR D 37 21.69 13.23 14.18
N GLY D 38 21.57 13.48 15.49
CA GLY D 38 22.14 14.66 16.12
C GLY D 38 21.10 15.74 16.38
N CYS D 39 19.97 15.70 15.68
CA CYS D 39 18.92 16.68 15.94
C CYS D 39 18.19 16.36 17.23
N PHE D 40 17.21 17.19 17.56
CA PHE D 40 16.43 16.94 18.76
C PHE D 40 14.96 16.85 18.45
N VAL D 41 14.25 16.18 19.34
CA VAL D 41 12.79 16.15 19.27
C VAL D 41 12.20 16.39 20.64
N ARG D 42 10.98 16.91 20.63
CA ARG D 42 10.15 16.94 21.81
C ARG D 42 9.29 15.66 21.70
N ILE D 43 9.44 14.72 22.62
CA ILE D 43 8.81 13.40 22.47
C ILE D 43 7.79 13.09 23.56
N GLY D 44 6.62 12.59 23.18
CA GLY D 44 5.56 12.29 24.14
C GLY D 44 5.82 10.94 24.75
N ILE D 45 5.88 10.86 26.07
CA ILE D 45 6.27 9.60 26.74
C ILE D 45 5.12 8.96 27.51
N GLY D 46 4.00 9.65 27.58
CA GLY D 46 2.83 9.12 28.25
C GLY D 46 2.09 10.21 28.97
N ASN D 47 1.11 9.79 29.77
CA ASN D 47 0.30 10.70 30.55
C ASN D 47 0.69 10.58 32.01
N HIS D 48 0.39 11.62 32.78
CA HIS D 48 0.50 11.53 34.23
C HIS D 48 -0.45 12.54 34.87
N ASN D 49 -1.19 12.07 35.87
CA ASN D 49 -2.36 12.79 36.33
C ASN D 49 -3.24 13.05 35.12
N SER D 50 -3.26 12.09 34.22
CA SER D 50 -3.94 12.21 32.92
C SER D 50 -3.65 13.55 32.21
N LYS D 51 -2.39 13.99 32.30
CA LYS D 51 -1.88 15.11 31.52
C LYS D 51 -0.69 14.60 30.72
N PRO D 52 -0.67 14.83 29.39
CA PRO D 52 0.42 14.28 28.59
C PRO D 52 1.77 14.94 28.90
N VAL D 53 2.81 14.12 28.97
CA VAL D 53 4.13 14.58 29.38
C VAL D 53 5.11 14.48 28.23
N TYR D 54 5.98 15.48 28.13
CA TYR D 54 6.95 15.53 27.03
C TYR D 54 8.38 15.67 27.55
N ARG D 55 9.33 15.09 26.81
CA ARG D 55 10.74 15.17 27.15
C ARG D 55 11.54 15.64 25.95
N VAL D 56 12.57 16.40 26.24
CA VAL D 56 13.59 16.70 25.25
C VAL D 56 14.38 15.41 25.06
N ALA D 57 14.72 15.11 23.81
CA ALA D 57 15.47 13.93 23.53
C ALA D 57 16.33 14.17 22.29
N GLU D 58 17.54 13.60 22.28
CA GLU D 58 18.41 13.65 21.12
C GLU D 58 18.24 12.41 20.24
N ILE D 59 18.17 12.59 18.93
CA ILE D 59 18.14 11.46 18.01
C ILE D 59 19.55 10.91 17.83
N THR D 60 19.76 9.64 18.20
CA THR D 60 21.05 8.98 18.04
C THR D 60 21.08 8.00 16.86
N GLY D 61 19.90 7.58 16.39
CA GLY D 61 19.85 6.74 15.22
C GLY D 61 18.44 6.54 14.73
N VAL D 62 18.33 5.86 13.60
CA VAL D 62 17.04 5.43 13.06
C VAL D 62 17.06 3.93 12.94
N VAL D 63 15.99 3.28 13.39
CA VAL D 63 15.87 1.85 13.26
C VAL D 63 14.59 1.51 12.51
N GLU D 64 14.43 0.26 12.14
CA GLU D 64 13.19 -0.19 11.56
C GLU D 64 12.46 -1.01 12.61
N THR D 65 11.27 -0.57 12.98
CA THR D 65 10.42 -1.32 13.91
C THR D 65 9.87 -2.56 13.22
N ALA D 66 9.13 -3.38 13.98
CA ALA D 66 8.64 -4.65 13.48
C ALA D 66 7.48 -4.46 12.50
N LYS D 67 6.44 -3.80 12.98
CA LYS D 67 5.24 -3.57 12.18
C LYS D 67 5.28 -2.21 11.51
N VAL D 68 4.99 -2.20 10.20
CA VAL D 68 4.69 -0.96 9.50
C VAL D 68 3.45 -0.39 10.14
N TYR D 69 3.46 0.93 10.32
CA TYR D 69 2.35 1.63 10.97
C TYR D 69 1.99 2.84 10.12
N GLN D 70 0.81 3.40 10.34
CA GLN D 70 0.39 4.59 9.61
C GLN D 70 0.83 5.83 10.35
N LEU D 71 1.23 6.84 9.58
CA LEU D 71 1.87 8.04 10.09
C LEU D 71 1.42 9.14 9.15
N GLY D 72 0.54 10.02 9.63
CA GLY D 72 -0.10 10.99 8.77
C GLY D 72 -0.67 10.27 7.55
N GLY D 73 -0.32 10.75 6.37
CA GLY D 73 -0.81 10.21 5.12
C GLY D 73 -0.10 8.97 4.58
N THR D 74 1.04 8.62 5.16
CA THR D 74 1.86 7.50 4.65
C THR D 74 1.85 6.29 5.59
N ARG D 75 2.73 5.33 5.28
CA ARG D 75 3.00 4.18 6.13
C ARG D 75 4.53 4.06 6.28
N THR D 76 4.99 3.55 7.42
CA THR D 76 6.43 3.43 7.62
C THR D 76 6.78 2.41 8.69
N ASN D 77 8.05 2.01 8.73
CA ASN D 77 8.54 1.10 9.78
C ASN D 77 9.73 1.72 10.52
N LYS D 78 9.97 2.98 10.27
CA LYS D 78 11.12 3.65 10.88
C LYS D 78 10.79 4.12 12.29
N GLY D 79 11.73 3.89 13.20
CA GLY D 79 11.61 4.37 14.56
C GLY D 79 12.84 5.20 14.86
N LEU D 80 12.71 6.14 15.79
CA LEU D 80 13.85 6.93 16.25
C LEU D 80 14.47 6.37 17.52
N GLN D 81 15.78 6.17 17.51
CA GLN D 81 16.50 5.87 18.75
C GLN D 81 16.84 7.20 19.44
N LEU D 82 16.28 7.40 20.63
CA LEU D 82 16.32 8.69 21.28
C LEU D 82 17.11 8.54 22.56
N ARG D 83 17.74 9.64 22.96
CA ARG D 83 18.52 9.67 24.18
C ARG D 83 18.18 10.93 24.96
N HIS D 84 18.02 10.73 26.26
CA HIS D 84 17.74 11.77 27.24
C HIS D 84 18.66 11.49 28.44
N GLY D 85 19.89 11.98 28.38
CA GLY D 85 20.86 11.68 29.42
C GLY D 85 21.21 10.20 29.34
N ASN D 86 21.12 9.51 30.48
CA ASN D 86 21.36 8.06 30.53
C ASN D 86 20.30 7.25 29.78
N ASP D 87 19.07 7.75 29.76
CA ASP D 87 17.95 7.02 29.16
C ASP D 87 18.02 6.99 27.64
N GLN D 88 17.88 5.79 27.08
CA GLN D 88 17.94 5.56 25.65
C GLN D 88 16.67 4.82 25.27
N ARG D 89 15.86 5.40 24.38
CA ARG D 89 14.59 4.79 24.00
C ARG D 89 14.20 4.93 22.53
N VAL D 90 13.65 3.85 21.97
CA VAL D 90 13.19 3.83 20.59
C VAL D 90 11.71 4.14 20.50
N PHE D 91 11.35 5.13 19.70
CA PHE D 91 9.97 5.61 19.55
C PHE D 91 9.52 5.59 18.10
N ARG D 92 8.24 5.29 17.88
CA ARG D 92 7.57 5.53 16.61
C ARG D 92 7.46 7.04 16.40
N LEU D 93 7.46 7.49 15.15
CA LEU D 93 7.51 8.91 14.84
C LEU D 93 6.23 9.65 15.24
N GLU D 94 5.15 8.93 15.42
CA GLU D 94 3.87 9.55 15.75
C GLU D 94 3.88 10.22 17.13
N PHE D 95 4.85 9.85 17.97
CA PHE D 95 4.94 10.38 19.34
C PHE D 95 5.72 11.67 19.43
N VAL D 96 6.40 12.06 18.36
CA VAL D 96 7.11 13.31 18.33
C VAL D 96 6.09 14.46 18.35
N SER D 97 6.38 15.52 19.11
CA SER D 97 5.51 16.69 19.20
C SER D 97 5.73 17.70 18.08
N ASN D 98 4.69 18.47 17.77
CA ASN D 98 4.83 19.60 16.85
C ASN D 98 4.99 20.91 17.60
N GLN D 99 5.15 20.84 18.93
CA GLN D 99 5.27 22.07 19.75
C GLN D 99 6.70 22.28 20.23
N GLU D 100 7.05 23.54 20.51
CA GLU D 100 8.41 23.87 20.93
C GLU D 100 8.70 23.34 22.34
N PHE D 101 9.97 23.34 22.74
CA PHE D 101 10.39 22.95 24.09
C PHE D 101 9.98 24.00 25.08
N THR D 102 9.52 23.56 26.25
CA THR D 102 9.26 24.48 27.34
C THR D 102 10.53 24.62 28.16
N GLU D 103 10.59 25.71 28.94
CA GLU D 103 11.73 25.95 29.80
C GLU D 103 11.86 24.81 30.83
N SER D 104 10.74 24.41 31.42
CA SER D 104 10.72 23.32 32.40
C SER D 104 11.27 22.00 31.80
N GLU D 105 10.81 21.65 30.60
CA GLU D 105 11.29 20.47 29.89
C GLU D 105 12.79 20.56 29.66
N PHE D 106 13.21 21.72 29.17
CA PHE D 106 14.61 21.95 28.90
C PHE D 106 15.46 21.81 30.18
N MET D 107 14.99 22.40 31.28
CA MET D 107 15.73 22.35 32.54
C MET D 107 15.82 20.94 33.07
N LYS D 108 14.72 20.20 33.02
CA LYS D 108 14.74 18.79 33.42
C LYS D 108 15.76 18.01 32.58
N TRP D 109 15.74 18.23 31.27
CA TRP D 109 16.75 17.63 30.41
C TRP D 109 18.16 18.01 30.84
N LYS D 110 18.41 19.31 31.02
CA LYS D 110 19.74 19.76 31.43
C LYS D 110 20.18 19.13 32.76
N GLU D 111 19.25 19.03 33.72
CA GLU D 111 19.51 18.36 35.00
C GLU D 111 19.88 16.89 34.76
N ALA D 112 19.13 16.22 33.88
CA ALA D 112 19.41 14.83 33.55
C ALA D 112 20.81 14.69 32.94
N MET D 113 21.16 15.59 32.03
CA MET D 113 22.48 15.61 31.40
C MET D 113 23.57 15.80 32.45
N PHE D 114 23.35 16.77 33.32
CA PHE D 114 24.31 17.16 34.33
C PHE D 114 24.53 16.02 35.35
N SER D 115 23.45 15.37 35.75
CA SER D 115 23.53 14.24 36.70
C SER D 115 24.21 13.02 36.11
N ALA D 116 24.27 12.94 34.79
CA ALA D 116 24.89 11.81 34.12
C ALA D 116 26.31 12.14 33.66
N GLY D 117 26.73 13.36 33.89
CA GLY D 117 28.02 13.82 33.38
C GLY D 117 28.11 13.84 31.87
N MET D 118 27.01 14.11 31.19
CA MET D 118 27.04 14.09 29.73
C MET D 118 27.17 15.50 29.20
N GLN D 119 28.11 15.70 28.28
CA GLN D 119 28.35 17.01 27.67
C GLN D 119 27.11 17.51 26.96
N LEU D 120 26.69 18.73 27.24
CA LEU D 120 25.67 19.36 26.41
C LEU D 120 26.26 19.72 25.07
N PRO D 121 25.41 19.93 24.06
CA PRO D 121 25.92 20.47 22.79
C PRO D 121 26.46 21.90 22.95
N THR D 122 27.41 22.26 22.11
CA THR D 122 27.87 23.63 22.04
C THR D 122 27.06 24.42 21.01
N LEU D 123 27.05 25.74 21.11
CA LEU D 123 26.37 26.57 20.13
C LEU D 123 26.95 26.29 18.74
N ASP D 124 28.26 26.02 18.68
CA ASP D 124 28.92 25.74 17.40
C ASP D 124 28.32 24.51 16.75
N GLU D 125 28.26 23.43 17.51
CA GLU D 125 27.71 22.16 17.05
C GLU D 125 26.29 22.35 16.55
N ILE D 126 25.53 23.16 17.28
CA ILE D 126 24.15 23.43 16.93
C ILE D 126 24.05 24.16 15.60
N ASN D 127 24.77 25.26 15.47
CA ASN D 127 24.73 26.01 14.23
C ASN D 127 25.16 25.11 13.07
N LYS D 128 26.12 24.23 13.36
CA LYS D 128 26.62 23.31 12.34
C LYS D 128 25.56 22.31 11.90
N LYS D 129 24.88 21.70 12.86
CA LYS D 129 23.79 20.79 12.53
C LYS D 129 22.66 21.51 11.75
N GLU D 130 22.33 22.72 12.19
CA GLU D 130 21.36 23.58 11.50
C GLU D 130 21.74 23.72 10.03
N LEU D 131 23.01 24.03 9.78
CA LEU D 131 23.47 24.13 8.39
C LEU D 131 23.40 22.80 7.66
N SER D 132 23.87 21.73 8.31
CA SER D 132 23.96 20.44 7.63
C SER D 132 22.60 19.91 7.21
N ILE D 133 21.54 20.19 7.98
CA ILE D 133 20.21 19.81 7.47
C ILE D 133 19.84 20.53 6.15
N LYS D 134 20.06 21.85 6.08
CA LYS D 134 19.70 22.59 4.88
C LYS D 134 20.55 22.16 3.70
N GLU D 135 21.81 21.84 3.96
CA GLU D 135 22.65 21.24 2.93
C GLU D 135 22.03 19.92 2.45
N ALA D 136 21.60 19.07 3.38
CA ALA D 136 20.92 17.83 3.01
C ALA D 136 19.55 18.04 2.34
N LEU D 137 18.89 19.16 2.62
CA LEU D 137 17.63 19.50 1.96
C LEU D 137 17.79 20.21 0.60
N ASN D 138 18.92 20.87 0.38
CA ASN D 138 19.25 21.41 -0.94
C ASN D 138 20.16 20.44 -1.68
N ILE E 3 -18.68 -4.39 -9.55
CA ILE E 3 -19.29 -3.49 -8.59
C ILE E 3 -19.92 -4.28 -7.43
N THR E 4 -20.28 -5.54 -7.70
CA THR E 4 -20.63 -6.46 -6.61
C THR E 4 -19.43 -6.61 -5.68
N HIS E 5 -19.68 -6.53 -4.37
CA HIS E 5 -18.62 -6.66 -3.38
C HIS E 5 -19.04 -7.67 -2.31
N MET E 6 -18.14 -8.61 -2.03
CA MET E 6 -18.43 -9.71 -1.12
C MET E 6 -17.94 -9.38 0.27
N VAL E 7 -18.60 -9.93 1.28
CA VAL E 7 -18.17 -9.78 2.67
C VAL E 7 -16.74 -10.26 2.90
N SER E 8 -15.97 -9.45 3.58
CA SER E 8 -14.57 -9.75 3.80
C SER E 8 -14.08 -9.48 5.20
N LEU E 9 -14.91 -8.84 6.00
CA LEU E 9 -14.56 -8.45 7.33
C LEU E 9 -15.59 -8.94 8.30
N PRO E 10 -15.20 -9.19 9.53
CA PRO E 10 -16.12 -9.58 10.61
C PRO E 10 -17.02 -8.43 11.08
N GLU E 11 -16.55 -7.19 10.97
CA GLU E 11 -17.37 -6.04 11.33
C GLU E 11 -18.62 -5.99 10.46
N GLU E 12 -18.47 -6.37 9.20
CA GLU E 12 -19.59 -6.38 8.25
C GLU E 12 -20.56 -7.47 8.60
N LEU E 13 -20.05 -8.62 9.01
CA LEU E 13 -20.94 -9.72 9.36
C LEU E 13 -21.60 -9.52 10.72
N ASN E 14 -20.92 -8.89 11.67
CA ASN E 14 -21.53 -8.61 12.96
C ASN E 14 -22.83 -7.83 12.80
N ARG E 15 -23.03 -7.18 11.67
CA ARG E 15 -24.23 -6.37 11.44
C ARG E 15 -25.48 -7.22 11.37
N VAL E 16 -25.34 -8.48 10.98
CA VAL E 16 -26.50 -9.36 10.94
C VAL E 16 -26.33 -10.44 11.99
N ARG E 17 -25.57 -10.13 13.03
CA ARG E 17 -25.36 -11.07 14.13
C ARG E 17 -26.39 -10.85 15.22
N LEU E 18 -27.10 -11.89 15.60
CA LEU E 18 -28.07 -11.76 16.69
C LEU E 18 -27.47 -12.22 18.01
N SER E 19 -27.49 -11.31 18.98
CA SER E 19 -27.02 -11.62 20.33
C SER E 19 -28.06 -12.49 21.06
N ARG E 20 -27.64 -13.18 22.11
CA ARG E 20 -28.55 -13.97 22.90
C ARG E 20 -29.63 -13.07 23.52
N HIS E 21 -29.25 -11.84 23.88
CA HIS E 21 -30.18 -10.82 24.42
C HIS E 21 -31.35 -10.57 23.49
N LYS E 22 -31.04 -10.26 22.23
CA LYS E 22 -32.08 -10.00 21.24
C LYS E 22 -33.00 -11.23 21.10
N LEU E 23 -32.40 -12.41 20.97
CA LEU E 23 -33.20 -13.62 20.81
C LEU E 23 -34.10 -13.88 22.03
N GLU E 24 -33.56 -13.74 23.24
CA GLU E 24 -34.35 -13.79 24.46
C GLU E 24 -35.54 -12.84 24.33
N ARG E 25 -35.23 -11.61 23.99
CA ARG E 25 -36.24 -10.56 23.88
C ARG E 25 -37.32 -10.90 22.86
N TRP E 26 -36.96 -11.52 21.74
CA TRP E 26 -37.90 -11.76 20.63
C TRP E 26 -38.46 -13.16 20.47
N CYS E 27 -38.03 -14.12 21.27
CA CYS E 27 -38.29 -15.51 20.89
C CYS E 27 -39.75 -15.90 21.02
N HIS E 28 -40.57 -15.04 21.62
CA HIS E 28 -42.01 -15.30 21.71
C HIS E 28 -42.81 -14.40 20.77
N MET E 29 -42.12 -13.66 19.92
CA MET E 29 -42.78 -12.86 18.89
C MET E 29 -43.24 -13.78 17.75
N PRO E 30 -44.43 -13.51 17.18
CA PRO E 30 -44.83 -14.20 15.96
C PRO E 30 -43.93 -13.81 14.79
N PHE E 31 -43.80 -14.69 13.79
CA PHE E 31 -42.86 -14.43 12.69
C PHE E 31 -41.45 -14.21 13.25
N PHE E 32 -41.15 -14.91 14.33
CA PHE E 32 -39.78 -14.96 14.86
C PHE E 32 -38.91 -15.63 13.82
N ALA E 33 -39.37 -16.79 13.36
CA ALA E 33 -38.63 -17.63 12.41
C ALA E 33 -38.28 -16.90 11.13
N LYS E 34 -39.26 -16.23 10.54
CA LYS E 34 -39.03 -15.53 9.28
C LYS E 34 -38.01 -14.39 9.44
N THR E 35 -38.10 -13.68 10.56
CA THR E 35 -37.24 -12.54 10.78
C THR E 35 -35.80 -12.99 11.03
N VAL E 36 -35.62 -14.00 11.88
CA VAL E 36 -34.27 -14.42 12.23
C VAL E 36 -33.60 -15.25 11.16
N THR E 37 -34.40 -15.90 10.31
CA THR E 37 -33.84 -16.72 9.23
C THR E 37 -33.01 -15.87 8.26
N GLY E 38 -31.76 -16.26 8.07
CA GLY E 38 -30.82 -15.53 7.23
C GLY E 38 -29.90 -14.62 8.04
N CYS E 39 -30.22 -14.42 9.31
CA CYS E 39 -29.31 -13.75 10.23
C CYS E 39 -28.26 -14.71 10.75
N PHE E 40 -27.28 -14.18 11.45
CA PHE E 40 -26.18 -15.02 11.96
C PHE E 40 -26.10 -14.97 13.46
N VAL E 41 -25.45 -15.97 14.04
CA VAL E 41 -25.12 -15.97 15.45
C VAL E 41 -23.68 -16.41 15.64
N ARG E 42 -23.11 -16.02 16.77
CA ARG E 42 -21.86 -16.60 17.28
C ARG E 42 -22.30 -17.68 18.27
N ILE E 43 -22.01 -18.93 17.94
CA ILE E 43 -22.55 -20.06 18.68
C ILE E 43 -21.41 -20.80 19.40
N GLY E 44 -21.58 -21.06 20.71
CA GLY E 44 -20.63 -21.84 21.47
C GLY E 44 -20.82 -23.33 21.29
N ILE E 45 -19.87 -24.00 20.65
CA ILE E 45 -20.07 -25.39 20.24
C ILE E 45 -19.36 -26.39 21.16
N GLY E 46 -18.65 -25.89 22.17
CA GLY E 46 -17.94 -26.77 23.08
C GLY E 46 -16.66 -26.13 23.60
N ASN E 47 -15.86 -26.95 24.26
CA ASN E 47 -14.59 -26.51 24.83
C ASN E 47 -13.48 -27.24 24.16
N HIS E 48 -12.33 -26.58 24.09
CA HIS E 48 -11.09 -27.25 23.70
C HIS E 48 -9.94 -26.56 24.44
N ASN E 49 -9.00 -27.35 24.96
CA ASN E 49 -8.02 -26.85 25.94
C ASN E 49 -8.75 -26.26 27.14
N SER E 50 -9.94 -26.75 27.38
CA SER E 50 -10.77 -26.27 28.44
C SER E 50 -11.30 -24.86 28.16
N LYS E 51 -11.05 -24.36 26.97
CA LYS E 51 -11.53 -23.04 26.61
C LYS E 51 -12.66 -23.07 25.60
N PRO E 52 -13.59 -22.16 25.75
CA PRO E 52 -14.74 -22.08 24.84
C PRO E 52 -14.36 -21.92 23.36
N VAL E 53 -15.06 -22.68 22.52
CA VAL E 53 -14.93 -22.57 21.08
C VAL E 53 -16.23 -22.04 20.52
N TYR E 54 -16.12 -20.98 19.73
CA TYR E 54 -17.26 -20.35 19.11
C TYR E 54 -17.13 -20.49 17.60
N ARG E 55 -18.27 -20.59 16.93
CA ARG E 55 -18.34 -20.65 15.49
C ARG E 55 -19.31 -19.60 14.95
N VAL E 56 -19.02 -19.09 13.77
CA VAL E 56 -19.94 -18.25 13.01
C VAL E 56 -20.95 -19.20 12.37
N ALA E 57 -22.24 -18.94 12.54
CA ALA E 57 -23.28 -19.80 11.98
C ALA E 57 -24.48 -18.99 11.48
N GLU E 58 -25.09 -19.47 10.41
CA GLU E 58 -26.24 -18.78 9.81
C GLU E 58 -27.51 -19.48 10.29
N ILE E 59 -28.53 -18.72 10.68
CA ILE E 59 -29.82 -19.32 10.99
C ILE E 59 -30.57 -19.68 9.72
N THR E 60 -30.80 -20.96 9.49
CA THR E 60 -31.56 -21.38 8.33
C THR E 60 -33.02 -21.61 8.69
N GLY E 61 -33.32 -21.64 9.98
CA GLY E 61 -34.66 -21.96 10.42
C GLY E 61 -34.76 -22.10 11.92
N VAL E 62 -35.99 -22.28 12.37
CA VAL E 62 -36.31 -22.45 13.78
C VAL E 62 -37.20 -23.68 13.96
N VAL E 63 -36.94 -24.46 15.01
CA VAL E 63 -37.76 -25.63 15.33
C VAL E 63 -38.12 -25.68 16.82
N GLU E 64 -39.04 -26.59 17.15
CA GLU E 64 -39.36 -26.92 18.54
C GLU E 64 -38.42 -28.01 19.03
N THR E 65 -37.87 -27.80 20.22
CA THR E 65 -37.12 -28.85 20.90
C THR E 65 -38.10 -29.71 21.70
N ALA E 66 -37.58 -30.80 22.24
CA ALA E 66 -38.40 -31.74 23.00
C ALA E 66 -38.78 -31.12 24.34
N LYS E 67 -37.87 -30.32 24.87
CA LYS E 67 -37.97 -29.84 26.24
C LYS E 67 -37.86 -28.32 26.32
N VAL E 68 -38.64 -27.73 27.20
CA VAL E 68 -38.56 -26.31 27.49
C VAL E 68 -37.38 -26.07 28.40
N TYR E 69 -36.60 -25.04 28.08
CA TYR E 69 -35.44 -24.67 28.88
C TYR E 69 -35.49 -23.20 29.25
N GLN E 70 -34.75 -22.86 30.30
CA GLN E 70 -34.64 -21.49 30.76
C GLN E 70 -33.64 -20.74 29.90
N LEU E 71 -33.99 -19.50 29.60
CA LEU E 71 -33.17 -18.63 28.78
C LEU E 71 -33.35 -17.24 29.36
N GLY E 72 -32.37 -16.78 30.16
CA GLY E 72 -32.52 -15.51 30.85
C GLY E 72 -33.74 -15.51 31.75
N GLY E 73 -34.58 -14.49 31.63
CA GLY E 73 -35.79 -14.38 32.43
C GLY E 73 -37.01 -14.95 31.75
N THR E 74 -36.79 -15.81 30.75
CA THR E 74 -37.86 -16.52 30.08
C THR E 74 -37.52 -18.01 29.86
N ARG E 75 -38.53 -18.77 29.46
CA ARG E 75 -38.39 -20.17 29.12
C ARG E 75 -38.81 -20.30 27.67
N THR E 76 -38.26 -21.28 26.97
CA THR E 76 -38.64 -21.52 25.57
C THR E 76 -38.31 -22.96 25.18
N ASN E 77 -39.01 -23.45 24.17
CA ASN E 77 -38.71 -24.75 23.58
C ASN E 77 -38.03 -24.56 22.23
N LYS E 78 -37.77 -23.32 21.85
CA LYS E 78 -37.27 -23.05 20.51
C LYS E 78 -35.82 -23.47 20.31
N GLY E 79 -35.51 -23.88 19.09
CA GLY E 79 -34.15 -24.21 18.71
C GLY E 79 -33.83 -23.60 17.35
N LEU E 80 -32.57 -23.26 17.18
CA LEU E 80 -32.12 -22.68 15.93
C LEU E 80 -31.48 -23.75 15.04
N GLN E 81 -31.92 -23.83 13.79
CA GLN E 81 -31.22 -24.63 12.78
C GLN E 81 -30.05 -23.81 12.27
N LEU E 82 -28.85 -24.24 12.57
CA LEU E 82 -27.65 -23.47 12.24
C LEU E 82 -26.79 -24.15 11.20
N ARG E 83 -26.21 -23.33 10.33
CA ARG E 83 -25.41 -23.79 9.23
C ARG E 83 -24.07 -23.05 9.20
N HIS E 84 -22.98 -23.81 9.16
CA HIS E 84 -21.61 -23.29 9.07
C HIS E 84 -20.97 -24.11 7.97
N GLY E 85 -20.94 -23.55 6.76
CA GLY E 85 -20.57 -24.33 5.59
C GLY E 85 -21.45 -25.56 5.44
N ASN E 86 -20.82 -26.72 5.34
CA ASN E 86 -21.56 -27.98 5.24
C ASN E 86 -21.98 -28.54 6.60
N ASP E 87 -21.67 -27.84 7.67
CA ASP E 87 -22.09 -28.33 8.98
C ASP E 87 -23.46 -27.71 9.29
N GLN E 88 -24.38 -28.57 9.76
CA GLN E 88 -25.75 -28.16 9.99
C GLN E 88 -26.32 -28.85 11.23
N ARG E 89 -26.60 -28.05 12.25
CA ARG E 89 -27.09 -28.58 13.53
C ARG E 89 -28.07 -27.67 14.22
N VAL E 90 -28.91 -28.27 15.05
CA VAL E 90 -29.86 -27.52 15.85
C VAL E 90 -29.27 -27.19 17.22
N PHE E 91 -29.41 -25.95 17.65
CA PHE E 91 -28.89 -25.53 18.96
C PHE E 91 -29.96 -24.80 19.75
N ARG E 92 -29.93 -25.01 21.06
CA ARG E 92 -30.68 -24.17 21.97
C ARG E 92 -30.11 -22.75 21.95
N LEU E 93 -30.96 -21.75 22.25
CA LEU E 93 -30.55 -20.36 22.24
C LEU E 93 -29.59 -19.97 23.38
N GLU E 94 -29.51 -20.81 24.41
CA GLU E 94 -28.62 -20.54 25.54
C GLU E 94 -27.13 -20.62 25.17
N PHE E 95 -26.82 -21.21 24.04
CA PHE E 95 -25.42 -21.33 23.59
C PHE E 95 -25.01 -20.19 22.67
N VAL E 96 -25.94 -19.27 22.39
CA VAL E 96 -25.62 -18.14 21.53
C VAL E 96 -24.89 -17.11 22.38
N SER E 97 -23.76 -16.61 21.86
CA SER E 97 -22.90 -15.69 22.60
C SER E 97 -23.48 -14.28 22.48
N ASN E 98 -23.20 -13.44 23.46
CA ASN E 98 -23.50 -12.02 23.39
C ASN E 98 -22.32 -11.19 22.85
N GLN E 99 -21.22 -11.85 22.53
CA GLN E 99 -20.03 -11.15 22.03
C GLN E 99 -19.95 -11.22 20.50
N GLU E 100 -19.07 -10.39 19.92
CA GLU E 100 -18.95 -10.23 18.48
C GLU E 100 -18.11 -11.34 17.88
N PHE E 101 -18.27 -11.54 16.57
CA PHE E 101 -17.39 -12.40 15.80
C PHE E 101 -15.97 -11.91 15.91
N THR E 102 -15.01 -12.82 15.82
CA THR E 102 -13.61 -12.42 15.72
C THR E 102 -13.11 -12.65 14.32
N GLU E 103 -11.92 -12.15 14.05
CA GLU E 103 -11.28 -12.31 12.74
C GLU E 103 -11.02 -13.79 12.45
N SER E 104 -10.56 -14.49 13.48
CA SER E 104 -10.23 -15.91 13.38
C SER E 104 -11.48 -16.74 13.06
N GLU E 105 -12.58 -16.43 13.75
CA GLU E 105 -13.85 -17.14 13.60
C GLU E 105 -14.44 -16.87 12.23
N PHE E 106 -14.32 -15.63 11.79
CA PHE E 106 -14.79 -15.22 10.48
C PHE E 106 -14.01 -15.90 9.37
N MET E 107 -12.68 -15.93 9.52
CA MET E 107 -11.86 -16.57 8.51
C MET E 107 -12.10 -18.08 8.44
N LYS E 108 -12.25 -18.70 9.61
CA LYS E 108 -12.62 -20.12 9.62
C LYS E 108 -13.94 -20.35 8.92
N TRP E 109 -14.92 -19.48 9.18
CA TRP E 109 -16.19 -19.57 8.48
C TRP E 109 -16.05 -19.42 6.97
N LYS E 110 -15.26 -18.44 6.54
CA LYS E 110 -15.00 -18.26 5.11
C LYS E 110 -14.37 -19.50 4.48
N GLU E 111 -13.36 -20.08 5.12
CA GLU E 111 -12.75 -21.32 4.60
C GLU E 111 -13.82 -22.39 4.50
N ALA E 112 -14.62 -22.54 5.56
CA ALA E 112 -15.67 -23.55 5.59
C ALA E 112 -16.64 -23.34 4.42
N MET E 113 -16.96 -22.09 4.09
CA MET E 113 -17.87 -21.80 2.97
C MET E 113 -17.21 -22.11 1.62
N PHE E 114 -15.96 -21.72 1.49
CA PHE E 114 -15.21 -22.00 0.28
C PHE E 114 -15.15 -23.51 -0.01
N SER E 115 -14.74 -24.30 0.98
CA SER E 115 -14.65 -25.75 0.82
C SER E 115 -16.02 -26.40 0.55
N ALA E 116 -17.09 -25.77 1.02
CA ALA E 116 -18.44 -26.31 0.81
C ALA E 116 -19.02 -25.92 -0.56
N GLY E 117 -18.33 -25.02 -1.26
CA GLY E 117 -18.78 -24.55 -2.56
C GLY E 117 -19.98 -23.63 -2.43
N MET E 118 -20.08 -22.96 -1.29
CA MET E 118 -21.22 -22.11 -1.01
C MET E 118 -20.89 -20.65 -1.29
N GLN E 119 -21.88 -19.85 -1.61
CA GLN E 119 -21.56 -18.47 -1.89
C GLN E 119 -21.66 -17.60 -0.67
N LEU E 120 -20.72 -16.70 -0.61
CA LEU E 120 -20.71 -15.68 0.43
C LEU E 120 -21.83 -14.66 0.16
N PRO E 121 -22.38 -14.08 1.23
CA PRO E 121 -23.30 -12.97 1.01
C PRO E 121 -22.57 -11.70 0.50
N THR E 122 -23.23 -10.96 -0.38
CA THR E 122 -22.76 -9.64 -0.77
C THR E 122 -22.96 -8.66 0.38
N LEU E 123 -22.26 -7.52 0.38
CA LEU E 123 -22.50 -6.46 1.35
C LEU E 123 -23.90 -5.88 1.22
N ASP E 124 -24.39 -5.84 -0.01
CA ASP E 124 -25.76 -5.40 -0.25
C ASP E 124 -26.79 -6.22 0.52
N GLU E 125 -26.65 -7.54 0.44
CA GLU E 125 -27.61 -8.45 1.07
C GLU E 125 -27.57 -8.25 2.58
N ILE E 126 -26.36 -8.14 3.09
CA ILE E 126 -26.14 -7.88 4.49
C ILE E 126 -26.84 -6.60 4.92
N ASN E 127 -26.60 -5.51 4.20
CA ASN E 127 -27.25 -4.25 4.56
C ASN E 127 -28.76 -4.38 4.52
N LYS E 128 -29.24 -4.98 3.45
CA LYS E 128 -30.67 -5.18 3.29
C LYS E 128 -31.23 -5.93 4.50
N LYS E 129 -30.54 -6.98 4.92
CA LYS E 129 -30.99 -7.81 6.05
C LYS E 129 -30.88 -7.09 7.39
N GLU E 130 -29.81 -6.30 7.56
CA GLU E 130 -29.62 -5.51 8.77
C GLU E 130 -30.83 -4.62 8.92
N LEU E 131 -31.18 -3.93 7.84
CA LEU E 131 -32.38 -3.10 7.85
C LEU E 131 -33.61 -3.85 8.38
N SER E 132 -33.80 -5.10 7.94
CA SER E 132 -34.96 -5.89 8.36
C SER E 132 -34.89 -6.18 9.84
N ILE E 133 -33.73 -6.66 10.30
CA ILE E 133 -33.52 -6.94 11.72
C ILE E 133 -33.80 -5.72 12.57
N LYS E 134 -33.29 -4.58 12.13
CA LYS E 134 -33.39 -3.34 12.91
C LYS E 134 -34.84 -2.87 13.01
N GLU E 135 -35.61 -3.15 11.97
CA GLU E 135 -37.00 -2.72 11.92
C GLU E 135 -37.94 -3.73 12.60
N ALA E 136 -37.41 -4.54 13.50
CA ALA E 136 -38.22 -5.54 14.19
C ALA E 136 -37.49 -6.12 15.40
N ILE F 3 20.08 3.08 8.67
CA ILE F 3 19.41 1.80 8.91
C ILE F 3 20.16 0.69 8.19
N THR F 4 19.96 -0.55 8.66
CA THR F 4 20.60 -1.71 8.07
C THR F 4 19.54 -2.59 7.40
N HIS F 5 19.92 -3.28 6.33
CA HIS F 5 18.95 -3.94 5.46
C HIS F 5 19.37 -5.37 5.13
N MET F 6 18.48 -6.32 5.35
CA MET F 6 18.81 -7.73 5.16
C MET F 6 18.27 -8.20 3.82
N VAL F 7 18.93 -9.23 3.27
CA VAL F 7 18.52 -9.82 2.01
C VAL F 7 17.13 -10.41 2.19
N SER F 8 16.28 -10.24 1.18
CA SER F 8 14.88 -10.66 1.24
C SER F 8 14.39 -11.15 -0.11
N LEU F 9 15.27 -11.12 -1.11
CA LEU F 9 14.91 -11.36 -2.51
C LEU F 9 15.90 -12.32 -3.16
N PRO F 10 15.41 -13.29 -3.96
CA PRO F 10 16.34 -14.16 -4.69
C PRO F 10 17.25 -13.40 -5.68
N GLU F 11 16.72 -12.34 -6.29
CA GLU F 11 17.52 -11.49 -7.19
C GLU F 11 18.79 -11.03 -6.46
N GLU F 12 18.64 -10.64 -5.20
CA GLU F 12 19.74 -10.12 -4.40
C GLU F 12 20.75 -11.22 -4.18
N LEU F 13 20.28 -12.38 -3.74
CA LEU F 13 21.20 -13.45 -3.39
C LEU F 13 21.90 -13.99 -4.65
N ASN F 14 21.20 -13.98 -5.77
CA ASN F 14 21.80 -14.39 -7.03
C ASN F 14 23.05 -13.57 -7.40
N ARG F 15 23.23 -12.41 -6.78
CA ARG F 15 24.42 -11.59 -7.05
C ARG F 15 25.71 -12.21 -6.54
N VAL F 16 25.60 -13.11 -5.57
CA VAL F 16 26.76 -13.79 -5.05
C VAL F 16 26.62 -15.29 -5.27
N ARG F 17 25.84 -15.66 -6.29
CA ARG F 17 25.73 -17.05 -6.70
C ARG F 17 26.81 -17.34 -7.74
N LEU F 18 27.64 -18.36 -7.50
CA LEU F 18 28.61 -18.80 -8.49
C LEU F 18 28.05 -19.94 -9.32
N SER F 19 28.17 -19.83 -10.64
CA SER F 19 27.72 -20.90 -11.53
C SER F 19 28.76 -22.03 -11.62
N ARG F 20 28.38 -23.13 -12.25
CA ARG F 20 29.31 -24.24 -12.42
C ARG F 20 30.43 -23.85 -13.38
N HIS F 21 30.04 -23.14 -14.44
CA HIS F 21 30.96 -22.63 -15.46
C HIS F 21 32.05 -21.76 -14.84
N LYS F 22 31.64 -20.86 -13.96
CA LYS F 22 32.58 -19.95 -13.32
C LYS F 22 33.53 -20.71 -12.40
N LEU F 23 32.99 -21.64 -11.63
CA LEU F 23 33.83 -22.46 -10.77
C LEU F 23 34.82 -23.28 -11.61
N GLU F 24 34.39 -23.81 -12.75
CA GLU F 24 35.30 -24.52 -13.65
C GLU F 24 36.45 -23.63 -14.08
N ARG F 25 36.11 -22.45 -14.59
CA ARG F 25 37.12 -21.51 -15.07
C ARG F 25 38.21 -21.22 -14.02
N TRP F 26 37.83 -21.15 -12.75
CA TRP F 26 38.74 -20.67 -11.70
C TRP F 26 39.28 -21.72 -10.77
N CYS F 27 38.94 -22.98 -10.97
CA CYS F 27 39.23 -23.95 -9.91
C CYS F 27 40.72 -24.28 -9.80
N HIS F 28 41.54 -23.68 -10.66
CA HIS F 28 42.99 -23.84 -10.57
C HIS F 28 43.71 -22.51 -10.41
N MET F 29 42.97 -21.53 -9.95
CA MET F 29 43.53 -20.27 -9.51
C MET F 29 43.93 -20.46 -8.04
N PRO F 30 45.11 -19.95 -7.66
CA PRO F 30 45.54 -20.02 -6.26
C PRO F 30 44.64 -19.28 -5.26
N PHE F 31 43.86 -18.30 -5.72
CA PHE F 31 43.00 -17.51 -4.84
C PHE F 31 41.60 -18.11 -4.75
N PHE F 32 41.46 -19.36 -5.19
CA PHE F 32 40.14 -19.99 -5.32
C PHE F 32 39.41 -20.05 -3.99
N ALA F 33 40.04 -20.66 -2.98
CA ALA F 33 39.37 -20.90 -1.71
C ALA F 33 38.91 -19.61 -1.03
N LYS F 34 39.82 -18.66 -0.84
CA LYS F 34 39.50 -17.41 -0.18
C LYS F 34 38.45 -16.62 -0.97
N THR F 35 38.45 -16.77 -2.30
CA THR F 35 37.50 -16.04 -3.13
C THR F 35 36.13 -16.64 -3.06
N VAL F 36 36.03 -17.95 -3.25
CA VAL F 36 34.71 -18.57 -3.33
C VAL F 36 34.04 -18.69 -1.98
N THR F 37 34.84 -18.70 -0.91
CA THR F 37 34.30 -18.80 0.45
C THR F 37 33.47 -17.58 0.77
N GLY F 38 32.27 -17.79 1.28
CA GLY F 38 31.32 -16.71 1.46
C GLY F 38 30.35 -16.55 0.31
N CYS F 39 30.66 -17.13 -0.85
CA CYS F 39 29.74 -17.06 -1.99
C CYS F 39 28.72 -18.18 -1.89
N PHE F 40 27.76 -18.17 -2.82
CA PHE F 40 26.66 -19.10 -2.76
C PHE F 40 26.60 -19.93 -4.03
N VAL F 41 25.98 -21.11 -3.91
CA VAL F 41 25.69 -21.92 -5.08
C VAL F 41 24.26 -22.46 -5.00
N ARG F 42 23.73 -22.79 -6.18
CA ARG F 42 22.54 -23.61 -6.30
C ARG F 42 23.06 -25.03 -6.51
N ILE F 43 22.77 -25.91 -5.55
CA ILE F 43 23.34 -27.26 -5.51
C ILE F 43 22.28 -28.34 -5.70
N GLY F 44 22.53 -29.27 -6.63
CA GLY F 44 21.58 -30.33 -6.96
C GLY F 44 21.77 -31.55 -6.10
N ILE F 45 20.89 -31.72 -5.11
CA ILE F 45 21.09 -32.71 -4.04
C ILE F 45 20.29 -34.00 -4.20
N GLY F 46 19.26 -33.98 -5.05
CA GLY F 46 18.47 -35.19 -5.25
C GLY F 46 17.22 -35.04 -6.08
N ASN F 47 16.28 -35.97 -5.90
CA ASN F 47 15.05 -36.00 -6.66
C ASN F 47 13.88 -36.28 -5.75
N HIS F 48 12.69 -35.82 -6.12
CA HIS F 48 11.50 -35.96 -5.29
C HIS F 48 10.26 -35.52 -6.01
N ASN F 49 9.14 -36.19 -5.78
CA ASN F 49 7.98 -36.17 -6.66
C ASN F 49 8.34 -35.99 -8.11
N SER F 50 9.14 -36.90 -8.61
CA SER F 50 9.47 -36.90 -10.01
C SER F 50 10.08 -35.59 -10.47
N LYS F 51 10.72 -34.86 -9.58
CA LYS F 51 11.39 -33.61 -9.96
C LYS F 51 12.81 -33.53 -9.38
N PRO F 52 13.70 -32.73 -10.01
CA PRO F 52 15.01 -32.44 -9.40
C PRO F 52 14.90 -31.48 -8.19
N VAL F 53 15.69 -31.74 -7.15
CA VAL F 53 15.69 -30.87 -5.97
C VAL F 53 17.01 -30.10 -5.89
N TYR F 54 16.88 -28.78 -5.73
CA TYR F 54 18.04 -27.93 -5.55
C TYR F 54 17.91 -27.20 -4.22
N ARG F 55 19.06 -26.92 -3.60
CA ARG F 55 19.09 -26.09 -2.44
C ARG F 55 20.00 -24.89 -2.68
N VAL F 56 19.78 -23.83 -1.91
CA VAL F 56 20.70 -22.73 -1.79
C VAL F 56 21.73 -23.16 -0.77
N ALA F 57 23.01 -22.91 -1.03
CA ALA F 57 24.05 -23.23 -0.05
C ALA F 57 25.23 -22.27 -0.10
N GLU F 58 25.74 -21.95 1.09
CA GLU F 58 26.91 -21.10 1.24
C GLU F 58 28.18 -21.95 1.24
N ILE F 59 29.14 -21.60 0.40
CA ILE F 59 30.46 -22.23 0.42
C ILE F 59 31.21 -21.76 1.66
N THR F 60 31.45 -22.67 2.59
CA THR F 60 32.15 -22.34 3.82
C THR F 60 33.64 -22.69 3.76
N GLY F 61 34.03 -23.46 2.75
CA GLY F 61 35.41 -23.85 2.56
C GLY F 61 35.58 -24.73 1.32
N VAL F 62 36.84 -25.10 1.08
CA VAL F 62 37.20 -25.98 -0.02
C VAL F 62 38.14 -27.06 0.49
N VAL F 63 37.88 -28.29 0.07
CA VAL F 63 38.66 -29.44 0.49
C VAL F 63 39.09 -30.28 -0.72
N GLU F 64 39.99 -31.23 -0.49
CA GLU F 64 40.36 -32.18 -1.52
C GLU F 64 39.39 -33.33 -1.51
N THR F 65 38.88 -33.70 -2.68
CA THR F 65 38.05 -34.88 -2.82
C THR F 65 38.93 -36.11 -2.69
N ALA F 66 38.30 -37.27 -2.69
CA ALA F 66 39.00 -38.54 -2.61
C ALA F 66 39.77 -38.79 -3.90
N LYS F 67 39.10 -38.57 -5.04
CA LYS F 67 39.66 -38.89 -6.34
C LYS F 67 39.33 -37.84 -7.41
N VAL F 68 40.31 -37.56 -8.26
CA VAL F 68 40.17 -36.61 -9.36
C VAL F 68 38.97 -36.90 -10.21
N TYR F 69 38.23 -35.86 -10.58
CA TYR F 69 37.10 -36.04 -11.49
C TYR F 69 37.11 -35.04 -12.63
N GLN F 70 36.38 -35.40 -13.68
CA GLN F 70 36.29 -34.62 -14.90
C GLN F 70 35.22 -33.56 -14.72
N LEU F 71 35.52 -32.33 -15.14
CA LEU F 71 34.58 -31.24 -14.99
C LEU F 71 34.72 -30.30 -16.18
N GLY F 72 33.70 -30.25 -17.03
CA GLY F 72 33.80 -29.48 -18.24
C GLY F 72 35.06 -29.92 -18.97
N GLY F 73 35.89 -28.95 -19.34
CA GLY F 73 37.14 -29.25 -20.05
C GLY F 73 38.33 -29.41 -19.12
N THR F 74 38.06 -29.66 -17.84
CA THR F 74 39.11 -29.73 -16.82
C THR F 74 38.90 -30.98 -16.00
N ARG F 75 39.83 -31.19 -15.08
CA ARG F 75 39.68 -32.20 -14.05
C ARG F 75 40.16 -31.58 -12.75
N THR F 76 39.63 -32.07 -11.61
CA THR F 76 40.00 -31.49 -10.32
C THR F 76 39.82 -32.44 -9.16
N ASN F 77 40.48 -32.10 -8.05
CA ASN F 77 40.32 -32.82 -6.80
C ASN F 77 39.56 -31.98 -5.77
N LYS F 78 38.88 -30.94 -6.24
CA LYS F 78 38.28 -30.00 -5.32
C LYS F 78 36.91 -30.45 -4.90
N GLY F 79 36.53 -30.10 -3.67
CA GLY F 79 35.18 -30.26 -3.19
C GLY F 79 34.81 -29.04 -2.36
N LEU F 80 33.56 -28.61 -2.46
CA LEU F 80 33.09 -27.47 -1.70
C LEU F 80 32.41 -27.89 -0.39
N GLN F 81 32.77 -27.23 0.70
CA GLN F 81 32.05 -27.38 1.96
C GLN F 81 30.83 -26.47 1.88
N LEU F 82 29.66 -27.09 1.81
CA LEU F 82 28.44 -26.35 1.63
C LEU F 82 27.60 -26.38 2.90
N ARG F 83 26.89 -25.29 3.10
CA ARG F 83 26.11 -25.08 4.29
C ARG F 83 24.75 -24.54 3.91
N HIS F 84 23.70 -25.24 4.34
CA HIS F 84 22.31 -24.78 4.16
C HIS F 84 21.71 -24.84 5.56
N GLY F 85 21.64 -23.67 6.20
CA GLY F 85 21.29 -23.59 7.61
C GLY F 85 22.28 -24.37 8.45
N ASN F 86 21.79 -25.37 9.18
CA ASN F 86 22.65 -26.22 10.01
C ASN F 86 23.33 -27.33 9.22
N ASP F 87 22.91 -27.53 7.98
CA ASP F 87 23.34 -28.70 7.23
C ASP F 87 24.65 -28.41 6.51
N GLN F 88 25.71 -29.08 6.95
CA GLN F 88 27.04 -29.04 6.32
C GLN F 88 27.26 -30.31 5.50
N ARG F 89 27.69 -30.16 4.24
CA ARG F 89 28.06 -31.33 3.44
C ARG F 89 29.04 -30.95 2.34
N VAL F 90 29.92 -31.88 2.00
CA VAL F 90 30.90 -31.65 0.96
C VAL F 90 30.32 -32.05 -0.37
N PHE F 91 30.56 -31.24 -1.40
CA PHE F 91 30.03 -31.51 -2.73
C PHE F 91 31.07 -31.35 -3.83
N ARG F 92 31.05 -32.27 -4.78
CA ARG F 92 31.80 -32.11 -6.02
C ARG F 92 31.21 -30.97 -6.80
N LEU F 93 32.05 -30.31 -7.59
CA LEU F 93 31.63 -29.17 -8.39
C LEU F 93 30.61 -29.56 -9.47
N GLU F 94 30.61 -30.83 -9.86
CA GLU F 94 29.75 -31.28 -10.94
C GLU F 94 28.27 -31.08 -10.62
N PHE F 95 27.93 -31.05 -9.33
CA PHE F 95 26.54 -30.95 -8.90
C PHE F 95 26.06 -29.49 -8.70
N VAL F 96 26.93 -28.53 -8.93
CA VAL F 96 26.55 -27.14 -8.90
C VAL F 96 25.78 -26.78 -10.17
N SER F 97 24.67 -26.06 -10.01
CA SER F 97 23.80 -25.69 -11.14
C SER F 97 24.30 -24.43 -11.87
N ASN F 98 23.94 -24.27 -13.16
CA ASN F 98 24.19 -23.02 -13.87
C ASN F 98 22.95 -22.11 -13.94
N GLN F 99 21.86 -22.49 -13.27
CA GLN F 99 20.64 -21.69 -13.27
C GLN F 99 20.53 -20.85 -11.99
N GLU F 100 19.63 -19.88 -12.01
CA GLU F 100 19.46 -18.96 -10.89
C GLU F 100 18.63 -19.55 -9.76
N PHE F 101 18.79 -18.97 -8.58
CA PHE F 101 17.89 -19.26 -7.48
C PHE F 101 16.47 -18.89 -7.85
N THR F 102 15.53 -19.71 -7.39
CA THR F 102 14.12 -19.40 -7.53
C THR F 102 13.62 -18.84 -6.22
N GLU F 103 12.41 -18.30 -6.23
CA GLU F 103 11.86 -17.65 -5.05
C GLU F 103 11.63 -18.68 -3.95
N SER F 104 11.12 -19.85 -4.35
CA SER F 104 10.84 -20.96 -3.44
C SER F 104 12.08 -21.50 -2.72
N GLU F 105 13.17 -21.67 -3.48
CA GLU F 105 14.45 -22.14 -2.94
C GLU F 105 15.00 -21.11 -1.98
N PHE F 106 14.89 -19.83 -2.36
CA PHE F 106 15.33 -18.76 -1.48
C PHE F 106 14.53 -18.80 -0.20
N MET F 107 13.22 -18.91 -0.34
CA MET F 107 12.32 -18.94 0.82
C MET F 107 12.63 -20.09 1.79
N LYS F 108 12.77 -21.29 1.25
CA LYS F 108 13.16 -22.42 2.10
C LYS F 108 14.46 -22.07 2.80
N TRP F 109 15.44 -21.62 2.03
CA TRP F 109 16.75 -21.33 2.64
C TRP F 109 16.60 -20.35 3.82
N LYS F 110 15.85 -19.29 3.61
CA LYS F 110 15.65 -18.29 4.62
C LYS F 110 14.98 -18.88 5.88
N GLU F 111 14.00 -19.78 5.67
CA GLU F 111 13.37 -20.49 6.79
C GLU F 111 14.37 -21.38 7.51
N ALA F 112 15.26 -22.00 6.73
CA ALA F 112 16.26 -22.90 7.32
C ALA F 112 17.29 -22.08 8.11
N MET F 113 17.57 -20.87 7.65
CA MET F 113 18.48 -19.98 8.38
C MET F 113 17.82 -19.54 9.71
N PHE F 114 16.56 -19.14 9.61
CA PHE F 114 15.82 -18.78 10.80
C PHE F 114 15.82 -19.91 11.83
N SER F 115 15.38 -21.11 11.42
CA SER F 115 15.33 -22.26 12.33
C SER F 115 16.67 -22.57 12.97
N ALA F 116 17.74 -22.42 12.19
CA ALA F 116 19.08 -22.72 12.66
C ALA F 116 19.66 -21.65 13.58
N GLY F 117 18.94 -20.54 13.72
CA GLY F 117 19.36 -19.45 14.60
C GLY F 117 20.50 -18.63 14.02
N MET F 118 20.53 -18.57 12.69
CA MET F 118 21.65 -17.97 11.98
C MET F 118 21.30 -16.62 11.36
N GLN F 119 22.32 -15.82 11.14
CA GLN F 119 22.18 -14.48 10.60
C GLN F 119 22.08 -14.50 9.09
N LEU F 120 21.13 -13.73 8.57
CA LEU F 120 21.09 -13.48 7.14
C LEU F 120 22.20 -12.50 6.74
N PRO F 121 22.75 -12.64 5.53
CA PRO F 121 23.65 -11.60 5.02
C PRO F 121 22.91 -10.28 4.87
N THR F 122 23.59 -9.18 5.10
CA THR F 122 23.03 -7.87 4.79
C THR F 122 23.29 -7.55 3.33
N LEU F 123 22.56 -6.57 2.82
CA LEU F 123 22.74 -6.10 1.45
C LEU F 123 24.14 -5.56 1.20
N ASP F 124 24.67 -4.86 2.18
CA ASP F 124 26.03 -4.33 2.10
C ASP F 124 27.05 -5.44 1.94
N GLU F 125 26.91 -6.49 2.75
CA GLU F 125 27.83 -7.61 2.67
C GLU F 125 27.76 -8.23 1.29
N ILE F 126 26.54 -8.40 0.79
CA ILE F 126 26.35 -8.97 -0.53
C ILE F 126 26.96 -8.09 -1.59
N ASN F 127 26.82 -6.78 -1.44
CA ASN F 127 27.45 -5.85 -2.39
C ASN F 127 28.98 -5.95 -2.37
N LYS F 128 29.58 -5.98 -1.17
CA LYS F 128 31.03 -6.16 -1.04
C LYS F 128 31.48 -7.44 -1.73
N LYS F 129 30.79 -8.53 -1.40
CA LYS F 129 31.15 -9.84 -1.91
C LYS F 129 31.01 -9.87 -3.44
N GLU F 130 29.92 -9.30 -3.94
CA GLU F 130 29.68 -9.23 -5.38
C GLU F 130 30.86 -8.54 -6.05
N LEU F 131 31.27 -7.41 -5.48
CA LEU F 131 32.42 -6.69 -6.02
C LEU F 131 33.58 -7.64 -6.09
N SER F 132 33.89 -8.27 -4.95
CA SER F 132 35.03 -9.17 -4.82
C SER F 132 35.07 -10.23 -5.91
N ILE F 133 33.95 -10.91 -6.17
CA ILE F 133 33.98 -11.93 -7.21
C ILE F 133 33.92 -11.36 -8.63
N LYS F 134 33.42 -10.13 -8.75
CA LYS F 134 33.49 -9.42 -10.02
C LYS F 134 34.94 -9.02 -10.36
N GLU F 135 35.75 -8.68 -9.36
CA GLU F 135 37.16 -8.37 -9.61
C GLU F 135 37.92 -9.58 -10.19
N ALA F 136 37.60 -10.78 -9.73
CA ALA F 136 38.15 -11.99 -10.34
C ALA F 136 37.04 -12.82 -10.98
N GLY G 4 -1.38 6.90 20.12
CA GLY G 4 -1.33 7.53 18.81
C GLY G 4 -0.65 8.89 18.80
N SER G 5 -0.90 9.65 17.73
CA SER G 5 -0.33 10.98 17.51
C SER G 5 -1.36 12.07 17.86
N ARG G 6 -1.10 12.78 18.95
CA ARG G 6 -2.12 13.61 19.59
C ARG G 6 -2.83 14.55 18.62
N PRO G 8 -4.50 17.77 17.63
CA PRO G 8 -4.47 19.13 18.15
C PRO G 8 -5.89 19.69 18.25
N MET G 9 -6.13 20.61 19.18
CA MET G 9 -7.45 21.22 19.34
C MET G 9 -7.56 22.55 18.61
N TYR G 10 -8.69 22.78 17.97
CA TYR G 10 -8.96 24.06 17.32
C TYR G 10 -8.83 25.22 18.35
N GLY G 11 -8.24 26.33 17.91
CA GLY G 11 -7.93 27.45 18.81
C GLY G 11 -6.77 27.16 19.74
N SER H 3 4.50 -4.19 -22.72
CA SER H 3 3.59 -4.97 -21.88
C SER H 3 2.12 -4.59 -22.13
N GLY H 4 1.65 -3.56 -21.42
CA GLY H 4 0.27 -3.12 -21.48
C GLY H 4 0.12 -1.72 -22.02
N SER H 5 0.21 -0.72 -21.15
CA SER H 5 -0.02 0.69 -21.53
C SER H 5 1.13 1.19 -22.40
N ARG H 6 0.87 1.32 -23.70
CA ARG H 6 1.91 1.62 -24.67
C ARG H 6 2.63 2.94 -24.37
N PRO H 8 4.43 6.16 -25.20
CA PRO H 8 4.56 7.09 -26.33
C PRO H 8 6.03 7.43 -26.65
N MET H 9 6.29 7.79 -27.89
CA MET H 9 7.61 8.17 -28.36
C MET H 9 7.74 9.67 -28.48
N TYR H 10 8.89 10.17 -28.04
CA TYR H 10 9.21 11.59 -28.14
C TYR H 10 9.18 12.07 -29.59
N GLY H 11 9.63 11.21 -30.51
CA GLY H 11 9.80 11.59 -31.91
C GLY H 11 8.56 11.58 -32.78
N SER H 12 7.47 11.01 -32.29
CA SER H 12 6.21 10.98 -33.05
C SER H 12 5.62 12.38 -33.21
N GLN H 13 6.22 13.36 -32.53
CA GLN H 13 5.87 14.76 -32.69
C GLN H 13 6.77 15.42 -33.74
N ARG I 6 -19.00 -17.56 30.99
CA ARG I 6 -20.37 -17.14 31.24
C ARG I 6 -21.35 -17.83 30.27
N PRO I 8 -22.54 -20.63 28.23
CA PRO I 8 -22.19 -22.06 28.34
C PRO I 8 -21.87 -22.70 26.99
N MET I 9 -21.11 -23.80 27.02
CA MET I 9 -20.70 -24.51 25.82
C MET I 9 -21.50 -25.80 25.65
N TYR I 10 -21.93 -26.05 24.42
CA TYR I 10 -22.69 -27.25 24.11
C TYR I 10 -21.90 -28.51 24.44
N SER J 5 25.25 -29.81 -20.24
CA SER J 5 24.38 -28.67 -19.98
C SER J 5 23.42 -29.00 -18.85
N ARG J 6 23.01 -30.26 -18.80
CA ARG J 6 22.02 -30.72 -17.83
C ARG J 6 22.70 -31.14 -16.52
N PRO J 8 23.43 -32.80 -13.01
CA PRO J 8 23.07 -34.00 -12.25
C PRO J 8 22.88 -33.81 -10.73
N MET J 9 22.17 -34.74 -10.09
CA MET J 9 21.96 -34.71 -8.64
C MET J 9 22.93 -35.64 -7.93
#